data_4CPC
#
_entry.id   4CPC
#
_cell.length_a   49.140
_cell.length_b   92.381
_cell.length_c   103.367
_cell.angle_alpha   66.53
_cell.angle_beta   82.32
_cell.angle_gamma   76.53
#
_symmetry.space_group_name_H-M   'P 1'
#
loop_
_entity.id
_entity.type
_entity.pdbx_description
1 polymer 'SYNAPTONEMAL COMPLEX PROTEIN 3'
2 water water
#
_entity_poly.entity_id   1
_entity_poly.type   'polypeptide(L)'
_entity_poly.pdbx_seq_one_letter_code
;GSMGGEVQNMLEGVGVDINKALLAKRKRLEMYTKASLKTSNQKIEHVWKTQQDQRQKLNQEYSQQFLTLFQQWDLDMQKA
EEQEEKILNMFRQQQKILQQSRIVQSQRLKTIKQLYEQFIKSMEELEKNHDNLLTGAQNEFKKEMAMLQKKIMMETQQQE
IASVRKS
;
_entity_poly.pdbx_strand_id   A,B,C,D,E,F,G,H
#
# COMPACT_ATOMS: atom_id res chain seq x y z
N ILE A 18 -144.12 -54.99 -100.63
CA ILE A 18 -144.00 -55.73 -99.37
C ILE A 18 -142.51 -56.01 -99.00
N ASN A 19 -141.76 -56.60 -99.95
CA ASN A 19 -140.33 -56.86 -99.75
C ASN A 19 -139.50 -55.56 -99.78
N LYS A 20 -139.98 -54.55 -100.54
CA LYS A 20 -139.40 -53.21 -100.64
C LYS A 20 -139.51 -52.54 -99.24
N ALA A 21 -140.67 -52.70 -98.57
CA ALA A 21 -140.97 -52.19 -97.23
C ALA A 21 -140.10 -52.89 -96.18
N LEU A 22 -139.92 -54.22 -96.33
CA LEU A 22 -139.12 -55.03 -95.42
C LEU A 22 -137.63 -54.58 -95.44
N LEU A 23 -137.10 -54.31 -96.64
CA LEU A 23 -135.72 -53.87 -96.82
C LEU A 23 -135.52 -52.44 -96.32
N ALA A 24 -136.55 -51.58 -96.47
CA ALA A 24 -136.52 -50.19 -96.01
C ALA A 24 -136.48 -50.16 -94.48
N LYS A 25 -137.24 -51.05 -93.82
CA LYS A 25 -137.28 -51.17 -92.36
C LYS A 25 -135.90 -51.64 -91.85
N ARG A 26 -135.31 -52.65 -92.51
CA ARG A 26 -134.00 -53.21 -92.17
C ARG A 26 -132.90 -52.15 -92.31
N LYS A 27 -132.91 -51.38 -93.43
CA LYS A 27 -131.97 -50.30 -93.70
C LYS A 27 -132.09 -49.21 -92.62
N ARG A 28 -133.31 -48.88 -92.19
CA ARG A 28 -133.54 -47.90 -91.16
C ARG A 28 -132.91 -48.38 -89.82
N LEU A 29 -133.17 -49.63 -89.43
CA LEU A 29 -132.61 -50.19 -88.19
C LEU A 29 -131.09 -50.30 -88.23
N GLU A 30 -130.53 -50.64 -89.40
CA GLU A 30 -129.08 -50.70 -89.58
C GLU A 30 -128.41 -49.32 -89.42
N MET A 31 -129.06 -48.25 -89.95
CA MET A 31 -128.56 -46.88 -89.87
C MET A 31 -128.62 -46.43 -88.41
N TYR A 32 -129.72 -46.71 -87.69
CA TYR A 32 -129.84 -46.33 -86.28
C TYR A 32 -128.76 -47.05 -85.42
N THR A 33 -128.52 -48.34 -85.67
CA THR A 33 -127.51 -49.13 -84.96
C THR A 33 -126.13 -48.51 -85.15
N LYS A 34 -125.78 -48.18 -86.40
CA LYS A 34 -124.52 -47.57 -86.75
C LYS A 34 -124.30 -46.23 -85.98
N ALA A 35 -125.33 -45.37 -85.96
CA ALA A 35 -125.32 -44.09 -85.26
C ALA A 35 -125.19 -44.27 -83.75
N SER A 36 -125.92 -45.23 -83.19
CA SER A 36 -125.86 -45.51 -81.76
C SER A 36 -124.50 -46.02 -81.31
N LEU A 37 -123.92 -46.95 -82.07
CA LEU A 37 -122.59 -47.49 -81.76
C LEU A 37 -121.53 -46.41 -81.90
N LYS A 38 -121.66 -45.53 -82.90
CA LYS A 38 -120.73 -44.43 -83.12
C LYS A 38 -120.73 -43.46 -81.92
N THR A 39 -121.92 -43.13 -81.41
CA THR A 39 -122.06 -42.22 -80.28
C THR A 39 -121.52 -42.85 -78.98
N SER A 40 -121.93 -44.07 -78.68
CA SER A 40 -121.53 -44.81 -77.49
C SER A 40 -120.02 -45.02 -77.43
N ASN A 41 -119.39 -45.31 -78.58
CA ASN A 41 -117.94 -45.46 -78.67
C ASN A 41 -117.21 -44.14 -78.48
N GLN A 42 -117.76 -43.05 -79.04
CA GLN A 42 -117.17 -41.72 -78.89
C GLN A 42 -117.15 -41.27 -77.42
N LYS A 43 -118.21 -41.59 -76.66
CA LYS A 43 -118.27 -41.23 -75.23
C LYS A 43 -117.18 -41.95 -74.43
N ILE A 44 -116.88 -43.22 -74.77
CA ILE A 44 -115.80 -43.97 -74.13
C ILE A 44 -114.45 -43.35 -74.54
N GLU A 45 -114.31 -42.96 -75.83
CA GLU A 45 -113.10 -42.29 -76.31
C GLU A 45 -112.83 -40.99 -75.52
N HIS A 46 -113.91 -40.28 -75.15
CA HIS A 46 -113.77 -39.06 -74.39
C HIS A 46 -113.24 -39.32 -72.96
N VAL A 47 -113.55 -40.48 -72.39
CA VAL A 47 -113.00 -40.87 -71.08
C VAL A 47 -111.47 -41.02 -71.20
N TRP A 48 -110.97 -41.70 -72.25
CA TRP A 48 -109.51 -41.85 -72.46
C TRP A 48 -108.84 -40.50 -72.59
N LYS A 49 -109.42 -39.60 -73.39
CA LYS A 49 -108.90 -38.26 -73.64
C LYS A 49 -108.85 -37.40 -72.40
N THR A 50 -109.87 -37.55 -71.55
CA THR A 50 -109.99 -36.85 -70.27
C THR A 50 -108.90 -37.28 -69.35
N GLN A 51 -108.71 -38.62 -69.20
CA GLN A 51 -107.68 -39.18 -68.33
C GLN A 51 -106.31 -38.70 -68.74
N GLN A 52 -106.01 -38.76 -70.02
CA GLN A 52 -104.75 -38.32 -70.62
C GLN A 52 -104.54 -36.82 -70.36
N ASP A 53 -105.60 -36.00 -70.55
CA ASP A 53 -105.52 -34.55 -70.30
C ASP A 53 -105.14 -34.25 -68.86
N GLN A 54 -105.83 -34.91 -67.91
CA GLN A 54 -105.60 -34.75 -66.47
C GLN A 54 -104.24 -35.24 -66.02
N ARG A 55 -103.70 -36.33 -66.62
CA ARG A 55 -102.36 -36.78 -66.26
C ARG A 55 -101.33 -35.75 -66.75
N GLN A 56 -101.48 -35.25 -67.97
CA GLN A 56 -100.56 -34.22 -68.51
C GLN A 56 -100.65 -32.89 -67.76
N LYS A 57 -101.84 -32.48 -67.37
CA LYS A 57 -102.05 -31.24 -66.61
C LYS A 57 -101.32 -31.34 -65.25
N LEU A 58 -101.46 -32.49 -64.57
CA LEU A 58 -100.78 -32.74 -63.30
C LEU A 58 -99.28 -32.66 -63.46
N ASN A 59 -98.74 -33.26 -64.53
CA ASN A 59 -97.30 -33.21 -64.79
C ASN A 59 -96.80 -31.80 -65.05
N GLN A 60 -97.59 -31.01 -65.81
CA GLN A 60 -97.26 -29.63 -66.15
C GLN A 60 -97.28 -28.74 -64.94
N GLU A 61 -98.24 -28.94 -64.04
CA GLU A 61 -98.34 -28.20 -62.76
C GLU A 61 -97.14 -28.46 -61.86
N TYR A 62 -96.74 -29.74 -61.66
CA TYR A 62 -95.58 -30.05 -60.83
C TYR A 62 -94.28 -29.62 -61.49
N SER A 63 -94.17 -29.76 -62.83
CA SER A 63 -92.96 -29.32 -63.54
C SER A 63 -92.71 -27.83 -63.35
N GLN A 64 -93.78 -27.02 -63.34
CA GLN A 64 -93.66 -25.58 -63.12
C GLN A 64 -93.10 -25.32 -61.72
N GLN A 65 -93.65 -25.99 -60.69
CA GLN A 65 -93.21 -25.90 -59.30
C GLN A 65 -91.74 -26.35 -59.13
N PHE A 66 -91.34 -27.47 -59.78
CA PHE A 66 -89.96 -27.91 -59.70
C PHE A 66 -89.02 -26.93 -60.38
N LEU A 67 -89.44 -26.36 -61.53
CA LEU A 67 -88.66 -25.36 -62.27
C LEU A 67 -88.41 -24.11 -61.41
N THR A 68 -89.44 -23.63 -60.69
CA THR A 68 -89.33 -22.51 -59.78
C THR A 68 -88.26 -22.80 -58.70
N LEU A 69 -88.31 -24.01 -58.08
CA LEU A 69 -87.34 -24.43 -57.06
C LEU A 69 -85.92 -24.50 -57.58
N PHE A 70 -85.73 -25.09 -58.77
CA PHE A 70 -84.41 -25.21 -59.38
C PHE A 70 -83.83 -23.85 -59.79
N GLN A 71 -84.68 -22.92 -60.25
CA GLN A 71 -84.27 -21.58 -60.67
C GLN A 71 -83.86 -20.79 -59.45
N GLN A 72 -84.65 -20.84 -58.37
CA GLN A 72 -84.36 -20.18 -57.10
C GLN A 72 -83.04 -20.70 -56.51
N TRP A 73 -82.81 -22.03 -56.60
CA TRP A 73 -81.60 -22.65 -56.10
C TRP A 73 -80.39 -22.14 -56.88
N ASP A 74 -80.48 -22.08 -58.20
CA ASP A 74 -79.42 -21.59 -59.07
C ASP A 74 -79.06 -20.12 -58.77
N LEU A 75 -80.06 -19.26 -58.53
CA LEU A 75 -79.86 -17.86 -58.20
C LEU A 75 -79.18 -17.70 -56.83
N ASP A 76 -79.56 -18.55 -55.86
CA ASP A 76 -78.99 -18.57 -54.52
C ASP A 76 -77.53 -19.00 -54.53
N MET A 77 -77.16 -19.88 -55.46
CA MET A 77 -75.79 -20.34 -55.63
C MET A 77 -74.92 -19.27 -56.26
N GLN A 78 -75.52 -18.42 -57.13
CA GLN A 78 -74.85 -17.30 -57.78
C GLN A 78 -74.53 -16.23 -56.74
N LYS A 79 -75.50 -15.93 -55.83
CA LYS A 79 -75.37 -14.99 -54.74
C LYS A 79 -74.27 -15.47 -53.76
N ALA A 80 -74.25 -16.78 -53.43
CA ALA A 80 -73.26 -17.42 -52.54
C ALA A 80 -71.84 -17.33 -53.10
N GLU A 81 -71.70 -17.43 -54.44
CA GLU A 81 -70.44 -17.33 -55.17
C GLU A 81 -69.91 -15.89 -55.09
N GLU A 82 -70.80 -14.88 -55.25
CA GLU A 82 -70.45 -13.46 -55.21
C GLU A 82 -69.98 -13.06 -53.81
N GLN A 83 -70.67 -13.55 -52.76
CA GLN A 83 -70.33 -13.24 -51.38
C GLN A 83 -69.03 -13.92 -50.94
N GLU A 84 -68.72 -15.11 -51.47
CA GLU A 84 -67.46 -15.79 -51.15
C GLU A 84 -66.27 -15.16 -51.92
N GLU A 85 -66.56 -14.40 -53.00
CA GLU A 85 -65.57 -13.67 -53.80
C GLU A 85 -65.20 -12.40 -53.03
N LYS A 86 -66.19 -11.80 -52.34
CA LYS A 86 -66.03 -10.59 -51.54
C LYS A 86 -65.16 -10.86 -50.30
N ILE A 87 -65.40 -11.99 -49.60
CA ILE A 87 -64.65 -12.40 -48.41
C ILE A 87 -63.19 -12.75 -48.74
N LEU A 88 -62.94 -13.45 -49.86
CA LEU A 88 -61.58 -13.78 -50.28
C LEU A 88 -60.76 -12.48 -50.56
N ASN A 89 -61.41 -11.47 -51.15
CA ASN A 89 -60.81 -10.16 -51.45
C ASN A 89 -60.58 -9.33 -50.19
N MET A 90 -61.52 -9.37 -49.22
CA MET A 90 -61.39 -8.63 -47.96
C MET A 90 -60.38 -9.30 -47.01
N PHE A 91 -60.14 -10.61 -47.17
CA PHE A 91 -59.16 -11.36 -46.39
C PHE A 91 -57.75 -11.08 -46.91
N ARG A 92 -57.55 -11.07 -48.25
CA ARG A 92 -56.26 -10.82 -48.89
C ARG A 92 -55.67 -9.45 -48.52
N GLN A 93 -56.52 -8.43 -48.36
CA GLN A 93 -56.17 -7.08 -47.94
C GLN A 93 -55.76 -7.08 -46.45
N GLN A 94 -56.62 -7.69 -45.60
CA GLN A 94 -56.42 -7.82 -44.15
C GLN A 94 -55.23 -8.72 -43.76
N GLN A 95 -54.90 -9.72 -44.62
CA GLN A 95 -53.77 -10.63 -44.42
C GLN A 95 -52.46 -9.86 -44.61
N LYS A 96 -52.42 -8.92 -45.59
CA LYS A 96 -51.26 -8.08 -45.90
C LYS A 96 -50.96 -7.13 -44.74
N ILE A 97 -52.03 -6.51 -44.18
CA ILE A 97 -51.96 -5.58 -43.06
C ILE A 97 -51.47 -6.29 -41.77
N LEU A 98 -51.97 -7.52 -41.51
CA LEU A 98 -51.59 -8.34 -40.35
C LEU A 98 -50.12 -8.75 -40.42
N GLN A 99 -49.65 -9.15 -41.63
CA GLN A 99 -48.28 -9.57 -41.88
C GLN A 99 -47.30 -8.42 -41.76
N GLN A 100 -47.69 -7.22 -42.23
CA GLN A 100 -46.90 -6.00 -42.17
C GLN A 100 -46.70 -5.53 -40.71
N SER A 101 -47.76 -5.60 -39.89
CA SER A 101 -47.71 -5.22 -38.47
C SER A 101 -46.70 -6.06 -37.69
N ARG A 102 -46.60 -7.36 -38.03
CA ARG A 102 -45.66 -8.31 -37.46
C ARG A 102 -44.21 -7.96 -37.88
N ILE A 103 -44.04 -7.60 -39.17
CA ILE A 103 -42.76 -7.20 -39.76
C ILE A 103 -42.23 -5.90 -39.10
N VAL A 104 -43.15 -4.94 -38.84
CA VAL A 104 -42.85 -3.66 -38.19
C VAL A 104 -42.37 -3.89 -36.73
N GLN A 105 -43.02 -4.82 -36.01
CA GLN A 105 -42.68 -5.21 -34.64
C GLN A 105 -41.28 -5.80 -34.56
N SER A 106 -40.92 -6.65 -35.54
CA SER A 106 -39.60 -7.28 -35.62
C SER A 106 -38.51 -6.22 -35.89
N GLN A 107 -38.86 -5.19 -36.71
CA GLN A 107 -37.99 -4.07 -37.06
C GLN A 107 -37.76 -3.21 -35.78
N ARG A 108 -38.84 -2.96 -35.04
CA ARG A 108 -38.87 -2.19 -33.80
C ARG A 108 -37.94 -2.85 -32.75
N LEU A 109 -38.01 -4.18 -32.62
CA LEU A 109 -37.13 -4.93 -31.72
C LEU A 109 -35.66 -4.74 -32.15
N LYS A 110 -35.38 -4.84 -33.46
CA LYS A 110 -34.05 -4.65 -34.04
C LYS A 110 -33.53 -3.22 -33.73
N THR A 111 -34.40 -2.20 -33.89
CA THR A 111 -34.11 -0.78 -33.66
C THR A 111 -33.74 -0.52 -32.20
N ILE A 112 -34.53 -1.04 -31.25
CA ILE A 112 -34.29 -0.91 -29.82
C ILE A 112 -33.00 -1.64 -29.40
N LYS A 113 -32.77 -2.84 -29.92
CA LYS A 113 -31.56 -3.62 -29.64
C LYS A 113 -30.31 -2.86 -30.15
N GLN A 114 -30.41 -2.25 -31.34
CA GLN A 114 -29.31 -1.49 -31.94
C GLN A 114 -29.07 -0.20 -31.18
N LEU A 115 -30.14 0.48 -30.73
CA LEU A 115 -30.01 1.72 -29.99
C LEU A 115 -29.36 1.44 -28.64
N TYR A 116 -29.71 0.31 -28.00
CA TYR A 116 -29.12 -0.11 -26.74
C TYR A 116 -27.62 -0.34 -26.87
N GLU A 117 -27.21 -1.05 -27.95
CA GLU A 117 -25.79 -1.34 -28.22
C GLU A 117 -25.01 -0.05 -28.51
N GLN A 118 -25.63 0.88 -29.21
CA GLN A 118 -25.09 2.20 -29.55
C GLN A 118 -24.90 3.03 -28.23
N PHE A 119 -25.88 2.96 -27.32
CA PHE A 119 -25.87 3.64 -26.02
C PHE A 119 -24.68 3.16 -25.19
N ILE A 120 -24.52 1.83 -25.07
CA ILE A 120 -23.42 1.20 -24.32
C ILE A 120 -22.08 1.58 -24.95
N LYS A 121 -21.99 1.58 -26.30
CA LYS A 121 -20.77 1.97 -26.99
C LYS A 121 -20.44 3.45 -26.75
N SER A 122 -21.45 4.35 -26.81
CA SER A 122 -21.24 5.77 -26.55
C SER A 122 -20.68 6.02 -25.14
N MET A 123 -21.20 5.29 -24.13
CA MET A 123 -20.73 5.39 -22.74
C MET A 123 -19.26 4.96 -22.64
N GLU A 124 -18.84 3.92 -23.41
CA GLU A 124 -17.48 3.38 -23.42
C GLU A 124 -16.51 4.38 -24.05
N GLU A 125 -16.92 5.04 -25.15
CA GLU A 125 -16.14 6.05 -25.84
C GLU A 125 -15.94 7.25 -24.92
N LEU A 126 -17.00 7.66 -24.18
CA LEU A 126 -16.97 8.77 -23.25
C LEU A 126 -16.02 8.45 -22.08
N GLU A 127 -16.04 7.20 -21.55
CA GLU A 127 -15.14 6.75 -20.49
C GLU A 127 -13.68 6.94 -20.91
N LYS A 128 -13.32 6.54 -22.18
CA LYS A 128 -11.95 6.64 -22.70
C LYS A 128 -11.49 8.08 -22.78
N ASN A 129 -12.32 8.99 -23.31
N ASN A 129 -12.34 8.98 -23.30
CA ASN A 129 -11.98 10.40 -23.39
CA ASN A 129 -12.04 10.41 -23.42
C ASN A 129 -11.79 10.96 -21.98
C ASN A 129 -11.94 11.09 -22.04
N HIS A 130 -12.72 10.63 -21.05
CA HIS A 130 -12.69 11.10 -19.68
C HIS A 130 -11.48 10.61 -18.93
N ASP A 131 -11.06 9.37 -19.17
CA ASP A 131 -9.88 8.75 -18.56
C ASP A 131 -8.62 9.58 -18.88
N ASN A 132 -8.46 9.98 -20.16
CA ASN A 132 -7.32 10.79 -20.56
C ASN A 132 -7.34 12.20 -19.96
N LEU A 133 -8.54 12.81 -19.92
CA LEU A 133 -8.68 14.15 -19.40
C LEU A 133 -8.42 14.19 -17.90
N LEU A 134 -8.88 13.14 -17.19
CA LEU A 134 -8.71 13.01 -15.75
C LEU A 134 -7.26 12.79 -15.42
N THR A 135 -6.54 11.94 -16.18
CA THR A 135 -5.10 11.69 -15.96
C THR A 135 -4.30 13.02 -16.07
N GLY A 136 -4.61 13.83 -17.07
CA GLY A 136 -3.99 15.13 -17.25
C GLY A 136 -4.26 16.05 -16.06
N ALA A 137 -5.53 16.11 -15.62
CA ALA A 137 -5.93 16.95 -14.49
C ALA A 137 -5.28 16.46 -13.17
N GLN A 138 -5.18 15.14 -12.98
CA GLN A 138 -4.56 14.53 -11.81
C GLN A 138 -3.07 14.82 -11.76
N ASN A 139 -2.39 14.81 -12.92
CA ASN A 139 -0.98 15.15 -13.04
C ASN A 139 -0.74 16.62 -12.67
N GLU A 140 -1.65 17.53 -13.08
CA GLU A 140 -1.53 18.94 -12.73
C GLU A 140 -1.68 19.14 -11.24
N PHE A 141 -2.67 18.44 -10.65
CA PHE A 141 -2.96 18.47 -9.23
C PHE A 141 -1.71 18.01 -8.44
N LYS A 142 -1.06 16.90 -8.89
CA LYS A 142 0.13 16.34 -8.27
C LYS A 142 1.25 17.34 -8.27
N LYS A 143 1.45 18.06 -9.41
CA LYS A 143 2.49 19.09 -9.57
C LYS A 143 2.24 20.23 -8.60
N GLU A 144 0.98 20.65 -8.45
CA GLU A 144 0.60 21.76 -7.57
C GLU A 144 0.86 21.42 -6.11
N MET A 145 0.55 20.19 -5.70
CA MET A 145 0.77 19.72 -4.33
C MET A 145 2.22 19.58 -4.00
N ALA A 146 3.02 19.12 -4.98
CA ALA A 146 4.47 18.96 -4.84
C ALA A 146 5.10 20.35 -4.71
N MET A 147 4.65 21.33 -5.53
CA MET A 147 5.09 22.73 -5.47
C MET A 147 4.75 23.35 -4.12
N LEU A 148 3.54 23.10 -3.60
CA LEU A 148 3.14 23.61 -2.31
C LEU A 148 4.06 23.07 -1.19
N GLN A 149 4.34 21.75 -1.18
CA GLN A 149 5.21 21.21 -0.15
C GLN A 149 6.66 21.69 -0.25
N LYS A 150 7.14 21.87 -1.49
CA LYS A 150 8.47 22.41 -1.77
C LYS A 150 8.56 23.85 -1.22
N LYS A 151 7.49 24.67 -1.43
CA LYS A 151 7.42 26.05 -0.91
C LYS A 151 7.53 26.04 0.61
N ILE A 152 6.75 25.20 1.30
CA ILE A 152 6.80 25.12 2.76
C ILE A 152 8.20 24.77 3.27
N MET A 153 8.82 23.79 2.63
CA MET A 153 10.13 23.30 2.99
C MET A 153 11.21 24.38 2.84
N MET A 154 11.29 25.00 1.67
CA MET A 154 12.26 26.05 1.33
C MET A 154 12.10 27.29 2.19
N GLU A 155 10.86 27.70 2.50
CA GLU A 155 10.61 28.89 3.29
C GLU A 155 10.82 28.68 4.79
N THR A 156 10.75 27.45 5.28
CA THR A 156 10.96 27.19 6.71
C THR A 156 12.39 26.71 7.04
N GLN A 157 13.01 25.96 6.13
CA GLN A 157 14.30 25.33 6.44
C GLN A 157 15.40 26.30 6.78
N GLN A 158 16.37 25.81 7.60
CA GLN A 158 17.59 26.50 8.01
C GLN A 158 18.56 26.44 6.82
N GLN A 159 19.16 27.59 6.49
CA GLN A 159 20.12 27.74 5.37
C GLN A 159 21.50 27.14 5.74
N GLU A 160 22.29 26.81 4.71
CA GLU A 160 23.63 26.21 4.83
C GLU A 160 24.64 27.17 5.45
N ILE B 18 28.62 19.63 10.88
CA ILE B 18 27.44 20.44 11.18
C ILE B 18 26.59 20.65 9.90
N ASN B 19 27.23 21.07 8.79
CA ASN B 19 26.54 21.24 7.52
C ASN B 19 26.16 19.91 6.90
N LYS B 20 26.94 18.84 7.17
CA LYS B 20 26.71 17.47 6.74
C LYS B 20 25.40 16.96 7.41
N ALA B 21 25.22 17.28 8.72
CA ALA B 21 24.07 16.96 9.54
C ALA B 21 22.82 17.72 9.05
N LEU B 22 23.02 19.00 8.66
CA LEU B 22 21.95 19.88 8.16
C LEU B 22 21.37 19.34 6.84
N LEU B 23 22.26 18.88 5.94
CA LEU B 23 21.87 18.32 4.66
C LEU B 23 21.19 16.94 4.84
N ALA B 24 21.65 16.14 5.82
CA ALA B 24 21.07 14.84 6.13
C ALA B 24 19.63 15.01 6.67
N LYS B 25 19.40 16.03 7.50
CA LYS B 25 18.08 16.37 8.06
C LYS B 25 17.14 16.78 6.92
N ARG B 26 17.62 17.64 6.00
CA ARG B 26 16.86 18.14 4.85
C ARG B 26 16.46 16.96 3.91
N LYS B 27 17.42 16.04 3.64
CA LYS B 27 17.20 14.88 2.80
C LYS B 27 16.16 13.96 3.44
N ARG B 28 16.20 13.81 4.77
CA ARG B 28 15.24 12.97 5.48
C ARG B 28 13.80 13.58 5.32
N LEU B 29 13.67 14.88 5.54
CA LEU B 29 12.38 15.55 5.40
C LEU B 29 11.86 15.50 3.97
N GLU B 30 12.75 15.62 2.98
CA GLU B 30 12.38 15.52 1.57
C GLU B 30 11.86 14.15 1.19
N MET B 31 12.48 13.09 1.74
N MET B 31 12.48 13.08 1.73
CA MET B 31 12.07 11.70 1.49
CA MET B 31 12.10 11.69 1.50
C MET B 31 10.69 11.46 2.08
C MET B 31 10.72 11.44 2.08
N TYR B 32 10.47 11.88 3.35
CA TYR B 32 9.18 11.74 4.04
C TYR B 32 8.06 12.49 3.28
N THR B 33 8.34 13.72 2.79
CA THR B 33 7.38 14.51 2.00
C THR B 33 6.98 13.77 0.72
N LYS B 34 7.99 13.22 0.01
CA LYS B 34 7.78 12.46 -1.21
C LYS B 34 6.87 11.22 -0.93
N ALA B 35 7.13 10.51 0.17
CA ALA B 35 6.35 9.34 0.56
C ALA B 35 4.91 9.70 0.95
N SER B 36 4.74 10.82 1.66
CA SER B 36 3.43 11.30 2.07
C SER B 36 2.59 11.72 0.90
N LEU B 37 3.18 12.49 -0.05
CA LEU B 37 2.49 12.90 -1.27
C LEU B 37 2.12 11.71 -2.12
N LYS B 38 3.02 10.72 -2.23
CA LYS B 38 2.76 9.49 -2.99
C LYS B 38 1.54 8.73 -2.44
N THR B 39 1.46 8.59 -1.12
CA THR B 39 0.36 7.89 -0.47
C THR B 39 -0.97 8.65 -0.61
N SER B 40 -0.96 9.94 -0.31
CA SER B 40 -2.15 10.82 -0.38
C SER B 40 -2.72 10.90 -1.78
N ASN B 41 -1.84 10.95 -2.80
CA ASN B 41 -2.28 10.94 -4.20
C ASN B 41 -2.85 9.61 -4.61
N GLN B 42 -2.26 8.50 -4.16
CA GLN B 42 -2.74 7.15 -4.46
C GLN B 42 -4.15 6.94 -3.90
N LYS B 43 -4.44 7.46 -2.72
CA LYS B 43 -5.79 7.33 -2.12
C LYS B 43 -6.84 8.03 -2.98
N ILE B 44 -6.52 9.22 -3.54
CA ILE B 44 -7.41 9.94 -4.44
C ILE B 44 -7.57 9.14 -5.74
N GLU B 45 -6.47 8.56 -6.26
CA GLU B 45 -6.50 7.72 -7.46
C GLU B 45 -7.43 6.50 -7.27
N HIS B 46 -7.47 5.96 -6.04
CA HIS B 46 -8.34 4.85 -5.74
C HIS B 46 -9.84 5.24 -5.77
N VAL B 47 -10.15 6.50 -5.48
CA VAL B 47 -11.54 7.00 -5.57
C VAL B 47 -11.97 6.97 -7.05
N TRP B 48 -11.12 7.40 -7.98
CA TRP B 48 -11.43 7.36 -9.42
C TRP B 48 -11.67 5.93 -9.87
N LYS B 49 -10.81 5.01 -9.46
CA LYS B 49 -10.94 3.61 -9.82
C LYS B 49 -12.20 2.96 -9.29
N THR B 50 -12.59 3.34 -8.08
CA THR B 50 -13.80 2.84 -7.43
C THR B 50 -15.03 3.29 -8.19
N GLN B 51 -15.11 4.61 -8.50
CA GLN B 51 -16.24 5.20 -9.22
C GLN B 51 -16.39 4.51 -10.59
N GLN B 52 -15.29 4.35 -11.32
CA GLN B 52 -15.22 3.72 -12.61
C GLN B 52 -15.67 2.26 -12.50
N ASP B 53 -15.22 1.53 -11.46
CA ASP B 53 -15.62 0.13 -11.23
C ASP B 53 -17.13 0.02 -11.07
N GLN B 54 -17.71 0.86 -10.21
CA GLN B 54 -19.15 0.88 -9.93
C GLN B 54 -20.00 1.31 -11.12
N ARG B 55 -19.51 2.23 -12.00
CA ARG B 55 -20.26 2.59 -13.21
C ARG B 55 -20.25 1.42 -14.18
N GLN B 56 -19.11 0.75 -14.35
CA GLN B 56 -18.98 -0.41 -15.25
C GLN B 56 -19.78 -1.59 -14.74
N LYS B 57 -19.80 -1.81 -13.42
CA LYS B 57 -20.56 -2.90 -12.83
C LYS B 57 -22.05 -2.71 -13.11
N LEU B 58 -22.53 -1.47 -12.91
CA LEU B 58 -23.92 -1.14 -13.17
C LEU B 58 -24.30 -1.38 -14.63
N ASN B 59 -23.41 -0.97 -15.57
CA ASN B 59 -23.66 -1.18 -16.99
C ASN B 59 -23.72 -2.66 -17.36
N GLN B 60 -22.79 -3.46 -16.79
CA GLN B 60 -22.72 -4.89 -17.04
C GLN B 60 -23.95 -5.61 -16.51
N GLU B 61 -24.43 -5.23 -15.31
CA GLU B 61 -25.61 -5.82 -14.69
C GLU B 61 -26.86 -5.57 -15.55
N TYR B 62 -27.09 -4.32 -15.99
CA TYR B 62 -28.23 -4.03 -16.82
C TYR B 62 -28.09 -4.61 -18.21
N SER B 63 -26.88 -4.59 -18.80
CA SER B 63 -26.69 -5.19 -20.13
C SER B 63 -27.05 -6.67 -20.17
N GLN B 64 -26.74 -7.42 -19.09
CA GLN B 64 -27.07 -8.83 -19.02
C GLN B 64 -28.59 -8.98 -19.04
N GLN B 65 -29.31 -8.19 -18.20
CA GLN B 65 -30.75 -8.17 -18.12
C GLN B 65 -31.40 -7.78 -19.46
N PHE B 66 -30.88 -6.74 -20.15
CA PHE B 66 -31.41 -6.35 -21.46
C PHE B 66 -31.22 -7.43 -22.50
N LEU B 67 -30.04 -8.10 -22.50
CA LEU B 67 -29.72 -9.19 -23.42
C LEU B 67 -30.70 -10.37 -23.24
N THR B 68 -30.98 -10.74 -21.97
CA THR B 68 -31.94 -11.79 -21.65
C THR B 68 -33.32 -11.45 -22.25
N LEU B 69 -33.80 -10.19 -22.02
CA LEU B 69 -35.08 -9.69 -22.53
C LEU B 69 -35.14 -9.73 -24.05
N PHE B 70 -34.08 -9.27 -24.75
CA PHE B 70 -34.05 -9.25 -26.20
C PHE B 70 -34.06 -10.65 -26.81
N GLN B 71 -33.36 -11.61 -26.17
CA GLN B 71 -33.28 -13.01 -26.61
C GLN B 71 -34.67 -13.66 -26.46
N GLN B 72 -35.30 -13.49 -25.29
CA GLN B 72 -36.63 -13.99 -24.99
C GLN B 72 -37.67 -13.38 -25.92
N TRP B 73 -37.54 -12.09 -26.23
CA TRP B 73 -38.42 -11.36 -27.14
C TRP B 73 -38.33 -11.92 -28.53
N ASP B 74 -37.11 -12.18 -29.03
CA ASP B 74 -36.87 -12.74 -30.36
C ASP B 74 -37.54 -14.11 -30.50
N LEU B 75 -37.43 -14.97 -29.46
CA LEU B 75 -38.04 -16.31 -29.44
C LEU B 75 -39.57 -16.22 -29.44
N ASP B 76 -40.12 -15.27 -28.67
CA ASP B 76 -41.56 -15.02 -28.57
C ASP B 76 -42.14 -14.49 -29.88
N MET B 77 -41.33 -13.77 -30.68
CA MET B 77 -41.74 -13.24 -31.98
C MET B 77 -41.76 -14.37 -33.02
N GLN B 78 -40.88 -15.39 -32.84
CA GLN B 78 -40.81 -16.56 -33.69
C GLN B 78 -42.06 -17.42 -33.46
N LYS B 79 -42.46 -17.59 -32.18
CA LYS B 79 -43.66 -18.31 -31.76
C LYS B 79 -44.93 -17.61 -32.28
N ALA B 80 -44.97 -16.26 -32.20
CA ALA B 80 -46.10 -15.44 -32.66
C ALA B 80 -46.28 -15.52 -34.18
N GLU B 81 -45.18 -15.67 -34.93
CA GLU B 81 -45.18 -15.82 -36.39
C GLU B 81 -45.75 -17.19 -36.75
N GLU B 82 -45.37 -18.25 -35.99
CA GLU B 82 -45.82 -19.63 -36.16
C GLU B 82 -47.33 -19.75 -35.95
N GLN B 83 -47.85 -19.10 -34.89
CA GLN B 83 -49.28 -19.11 -34.52
C GLN B 83 -50.14 -18.27 -35.47
N GLU B 84 -49.57 -17.18 -36.04
CA GLU B 84 -50.22 -16.32 -37.03
C GLU B 84 -50.44 -17.11 -38.33
N GLU B 85 -49.46 -17.98 -38.70
CA GLU B 85 -49.52 -18.86 -39.86
C GLU B 85 -50.66 -19.86 -39.72
N LYS B 86 -50.83 -20.42 -38.49
CA LYS B 86 -51.88 -21.39 -38.15
C LYS B 86 -53.28 -20.84 -38.31
N ILE B 87 -53.52 -19.59 -37.84
CA ILE B 87 -54.82 -18.92 -37.97
C ILE B 87 -55.17 -18.58 -39.43
N LEU B 88 -54.18 -18.09 -40.19
CA LEU B 88 -54.34 -17.76 -41.60
C LEU B 88 -54.60 -19.04 -42.43
N ASN B 89 -53.98 -20.18 -42.03
CA ASN B 89 -54.17 -21.50 -42.66
C ASN B 89 -55.59 -22.01 -42.38
N MET B 90 -56.06 -21.84 -41.11
CA MET B 90 -57.39 -22.20 -40.61
C MET B 90 -58.49 -21.48 -41.38
N PHE B 91 -58.21 -20.23 -41.80
CA PHE B 91 -59.16 -19.45 -42.60
C PHE B 91 -59.19 -19.97 -44.03
N ARG B 92 -58.01 -20.23 -44.62
CA ARG B 92 -57.85 -20.74 -45.99
C ARG B 92 -58.48 -22.12 -46.22
N GLN B 93 -58.36 -23.03 -45.23
CA GLN B 93 -58.92 -24.40 -45.29
C GLN B 93 -60.44 -24.34 -45.23
N GLN B 94 -60.96 -23.41 -44.41
CA GLN B 94 -62.39 -23.14 -44.21
C GLN B 94 -63.01 -22.46 -45.46
N GLN B 95 -62.22 -21.63 -46.19
CA GLN B 95 -62.68 -20.98 -47.41
C GLN B 95 -62.86 -22.03 -48.53
N LYS B 96 -61.89 -22.98 -48.68
CA LYS B 96 -61.95 -24.08 -49.66
C LYS B 96 -63.19 -24.93 -49.39
N ILE B 97 -63.50 -25.20 -48.09
CA ILE B 97 -64.68 -25.93 -47.64
C ILE B 97 -65.95 -25.24 -48.16
N LEU B 98 -66.08 -23.92 -47.96
CA LEU B 98 -67.21 -23.13 -48.47
C LEU B 98 -67.28 -23.16 -50.02
N GLN B 99 -66.13 -23.07 -50.71
CA GLN B 99 -66.09 -23.12 -52.16
C GLN B 99 -66.51 -24.50 -52.69
N GLN B 100 -66.00 -25.57 -52.04
CA GLN B 100 -66.30 -26.96 -52.37
C GLN B 100 -67.77 -27.31 -52.16
N SER B 101 -68.37 -26.88 -51.04
CA SER B 101 -69.77 -27.11 -50.71
C SER B 101 -70.71 -26.42 -51.72
N ARG B 102 -70.26 -25.28 -52.30
CA ARG B 102 -70.99 -24.55 -53.34
C ARG B 102 -70.95 -25.37 -54.65
N ILE B 103 -69.75 -25.91 -54.98
CA ILE B 103 -69.51 -26.73 -56.18
C ILE B 103 -70.35 -28.04 -56.12
N VAL B 104 -70.39 -28.69 -54.93
CA VAL B 104 -71.14 -29.91 -54.66
C VAL B 104 -72.66 -29.65 -54.77
N GLN B 105 -73.13 -28.51 -54.23
CA GLN B 105 -74.53 -28.08 -54.32
C GLN B 105 -74.95 -27.90 -55.78
N SER B 106 -74.09 -27.28 -56.61
CA SER B 106 -74.37 -27.06 -58.02
C SER B 106 -74.47 -28.40 -58.79
N GLN B 107 -73.64 -29.40 -58.41
CA GLN B 107 -73.61 -30.76 -58.95
C GLN B 107 -74.91 -31.47 -58.61
N ARG B 108 -75.32 -31.35 -57.33
CA ARG B 108 -76.53 -31.91 -56.72
C ARG B 108 -77.76 -31.39 -57.46
N LEU B 109 -77.83 -30.06 -57.69
CA LEU B 109 -78.91 -29.41 -58.40
C LEU B 109 -79.00 -29.98 -59.82
N LYS B 110 -77.85 -30.11 -60.53
CA LYS B 110 -77.76 -30.65 -61.87
C LYS B 110 -78.29 -32.12 -61.90
N THR B 111 -77.89 -32.95 -60.92
CA THR B 111 -78.28 -34.35 -60.78
C THR B 111 -79.81 -34.51 -60.60
N ILE B 112 -80.38 -33.73 -59.67
CA ILE B 112 -81.81 -33.75 -59.37
C ILE B 112 -82.62 -33.23 -60.55
N LYS B 113 -82.16 -32.14 -61.18
CA LYS B 113 -82.81 -31.54 -62.34
C LYS B 113 -82.82 -32.53 -63.51
N GLN B 114 -81.72 -33.25 -63.74
CA GLN B 114 -81.59 -34.22 -64.81
C GLN B 114 -82.46 -35.45 -64.54
N LEU B 115 -82.53 -35.91 -63.28
CA LEU B 115 -83.34 -37.06 -62.92
C LEU B 115 -84.82 -36.72 -63.10
N TYR B 116 -85.21 -35.49 -62.75
CA TYR B 116 -86.57 -35.02 -62.92
C TYR B 116 -86.96 -34.97 -64.39
N GLU B 117 -86.07 -34.45 -65.25
CA GLU B 117 -86.30 -34.37 -66.71
C GLU B 117 -86.40 -35.74 -67.34
N GLN B 118 -85.60 -36.70 -66.85
CA GLN B 118 -85.59 -38.09 -67.27
C GLN B 118 -86.95 -38.76 -66.91
N PHE B 119 -87.47 -38.49 -65.69
CA PHE B 119 -88.73 -38.99 -65.19
C PHE B 119 -89.87 -38.49 -66.08
N ILE B 120 -89.92 -37.19 -66.37
CA ILE B 120 -90.93 -36.58 -67.24
C ILE B 120 -90.86 -37.18 -68.65
N LYS B 121 -89.64 -37.33 -69.20
CA LYS B 121 -89.44 -37.91 -70.52
C LYS B 121 -89.88 -39.39 -70.56
N SER B 122 -89.63 -40.17 -69.50
CA SER B 122 -90.00 -41.59 -69.41
C SER B 122 -91.51 -41.75 -69.38
N MET B 123 -92.20 -40.82 -68.69
CA MET B 123 -93.65 -40.82 -68.65
C MET B 123 -94.24 -40.53 -70.03
N GLU B 124 -93.59 -39.62 -70.82
CA GLU B 124 -94.01 -39.24 -72.17
C GLU B 124 -93.84 -40.39 -73.15
N GLU B 125 -92.74 -41.14 -73.06
CA GLU B 125 -92.45 -42.29 -73.90
C GLU B 125 -93.48 -43.40 -73.62
N LEU B 126 -93.80 -43.62 -72.32
CA LEU B 126 -94.78 -44.62 -71.90
C LEU B 126 -96.18 -44.25 -72.42
N GLU B 127 -96.55 -42.95 -72.38
CA GLU B 127 -97.82 -42.44 -72.90
C GLU B 127 -97.97 -42.78 -74.38
N LYS B 128 -96.91 -42.61 -75.19
CA LYS B 128 -96.94 -42.89 -76.62
C LYS B 128 -97.15 -44.37 -76.89
N ASN B 129 -96.47 -45.25 -76.15
CA ASN B 129 -96.63 -46.69 -76.25
C ASN B 129 -98.05 -47.10 -75.90
N HIS B 130 -98.57 -46.55 -74.80
CA HIS B 130 -99.89 -46.81 -74.29
C HIS B 130 -100.97 -46.36 -75.22
N ASP B 131 -100.77 -45.20 -75.90
CA ASP B 131 -101.70 -44.64 -76.87
C ASP B 131 -101.94 -45.63 -78.00
N ASN B 132 -100.86 -46.20 -78.53
CA ASN B 132 -100.96 -47.18 -79.61
C ASN B 132 -101.65 -48.47 -79.16
N LEU B 133 -101.31 -48.94 -77.95
CA LEU B 133 -101.88 -50.19 -77.46
C LEU B 133 -103.38 -50.03 -77.19
N LEU B 134 -103.77 -48.88 -76.65
CA LEU B 134 -105.16 -48.56 -76.35
C LEU B 134 -105.97 -48.43 -77.64
N THR B 135 -105.43 -47.81 -78.69
CA THR B 135 -106.11 -47.69 -79.98
C THR B 135 -106.41 -49.10 -80.57
N GLY B 136 -105.44 -49.99 -80.47
CA GLY B 136 -105.63 -51.37 -80.92
C GLY B 136 -106.72 -52.08 -80.14
N ALA B 137 -106.69 -51.95 -78.80
CA ALA B 137 -107.70 -52.56 -77.92
C ALA B 137 -109.11 -51.97 -78.15
N GLN B 138 -109.18 -50.66 -78.38
CA GLN B 138 -110.43 -49.93 -78.65
C GLN B 138 -111.06 -50.40 -79.97
N ASN B 139 -110.22 -50.63 -81.00
CA ASN B 139 -110.66 -51.14 -82.29
C ASN B 139 -111.23 -52.56 -82.17
N GLU B 140 -110.63 -53.42 -81.35
CA GLU B 140 -111.09 -54.79 -81.10
C GLU B 140 -112.48 -54.73 -80.45
N PHE B 141 -112.61 -53.86 -79.43
CA PHE B 141 -113.84 -53.63 -78.70
C PHE B 141 -114.96 -53.18 -79.65
N LYS B 142 -114.66 -52.22 -80.55
CA LYS B 142 -115.62 -51.70 -81.52
C LYS B 142 -116.13 -52.80 -82.44
N LYS B 143 -115.23 -53.68 -82.91
CA LYS B 143 -115.59 -54.80 -83.78
C LYS B 143 -116.51 -55.78 -83.03
N GLU B 144 -116.23 -56.04 -81.75
CA GLU B 144 -117.03 -56.97 -80.95
C GLU B 144 -118.45 -56.44 -80.73
N MET B 145 -118.57 -55.14 -80.48
CA MET B 145 -119.87 -54.49 -80.28
C MET B 145 -120.69 -54.43 -81.54
N ALA B 146 -120.01 -54.24 -82.69
CA ALA B 146 -120.65 -54.22 -84.02
C ALA B 146 -121.17 -55.62 -84.32
N MET B 147 -120.35 -56.65 -84.04
CA MET B 147 -120.73 -58.05 -84.23
C MET B 147 -121.92 -58.43 -83.37
N LEU B 148 -121.93 -57.99 -82.10
CA LEU B 148 -123.02 -58.27 -81.18
C LEU B 148 -124.33 -57.69 -81.71
N GLN B 149 -124.32 -56.41 -82.14
CA GLN B 149 -125.53 -55.79 -82.65
C GLN B 149 -126.04 -56.43 -83.97
N LYS B 150 -125.09 -56.80 -84.85
CA LYS B 150 -125.38 -57.49 -86.11
C LYS B 150 -126.05 -58.85 -85.76
N LYS B 151 -125.57 -59.57 -84.72
N LYS B 151 -125.58 -59.57 -84.71
CA LYS B 151 -126.12 -60.85 -84.28
CA LYS B 151 -126.14 -60.85 -84.28
C LYS B 151 -127.57 -60.70 -83.83
C LYS B 151 -127.58 -60.69 -83.83
N ILE B 152 -127.85 -59.69 -82.99
CA ILE B 152 -129.20 -59.41 -82.50
C ILE B 152 -130.14 -59.11 -83.67
N MET B 153 -129.70 -58.24 -84.61
CA MET B 153 -130.46 -57.84 -85.77
C MET B 153 -130.80 -59.04 -86.67
N MET B 154 -129.80 -59.83 -87.07
CA MET B 154 -129.99 -61.00 -87.92
C MET B 154 -130.87 -62.08 -87.33
N GLU B 155 -130.76 -62.33 -86.02
CA GLU B 155 -131.52 -63.36 -85.35
C GLU B 155 -132.95 -62.95 -85.04
N THR B 156 -133.26 -61.65 -84.98
CA THR B 156 -134.62 -61.21 -84.70
C THR B 156 -135.39 -60.83 -85.98
N GLN B 157 -134.70 -60.23 -86.98
CA GLN B 157 -135.31 -59.69 -88.20
C GLN B 157 -136.12 -60.69 -89.02
N GLN B 158 -137.23 -60.20 -89.63
CA GLN B 158 -138.10 -60.96 -90.51
C GLN B 158 -137.35 -61.23 -91.79
N GLN B 159 -137.50 -62.45 -92.33
CA GLN B 159 -136.80 -62.89 -93.53
C GLN B 159 -137.52 -62.42 -94.79
N GLU B 160 -136.80 -62.37 -95.93
CA GLU B 160 -137.34 -61.98 -97.22
C GLU B 160 -138.36 -63.01 -97.74
N ILE B 161 -139.46 -62.53 -98.35
CA ILE B 161 -140.54 -63.35 -98.91
C ILE B 161 -140.52 -63.26 -100.44
N GLY C 15 -150.40 -69.66 -82.07
CA GLY C 15 -150.28 -68.33 -81.48
C GLY C 15 -149.53 -68.29 -80.16
N VAL C 16 -149.88 -69.22 -79.24
CA VAL C 16 -149.26 -69.37 -77.93
C VAL C 16 -147.84 -69.91 -78.11
N ASP C 17 -147.70 -70.97 -78.92
CA ASP C 17 -146.41 -71.59 -79.23
C ASP C 17 -145.46 -70.61 -79.96
N ILE C 18 -146.05 -69.67 -80.70
CA ILE C 18 -145.37 -68.61 -81.45
C ILE C 18 -144.82 -67.56 -80.48
N ASN C 19 -145.64 -67.07 -79.53
CA ASN C 19 -145.20 -66.07 -78.56
C ASN C 19 -144.25 -66.65 -77.53
N LYS C 20 -144.41 -67.95 -77.20
CA LYS C 20 -143.54 -68.69 -76.28
C LYS C 20 -142.13 -68.79 -76.91
N ALA C 21 -142.08 -69.05 -78.25
CA ALA C 21 -140.87 -69.13 -79.06
C ALA C 21 -140.19 -67.77 -79.13
N LEU C 22 -140.99 -66.70 -79.29
CA LEU C 22 -140.50 -65.32 -79.38
C LEU C 22 -139.82 -64.89 -78.09
N LEU C 23 -140.41 -65.23 -76.92
CA LEU C 23 -139.86 -64.90 -75.61
C LEU C 23 -138.59 -65.69 -75.32
N ALA C 24 -138.55 -66.97 -75.76
CA ALA C 24 -137.39 -67.85 -75.59
C ALA C 24 -136.20 -67.30 -76.38
N LYS C 25 -136.45 -66.81 -77.61
CA LYS C 25 -135.46 -66.24 -78.50
C LYS C 25 -134.90 -64.96 -77.87
N ARG C 26 -135.78 -64.09 -77.34
CA ARG C 26 -135.43 -62.82 -76.71
C ARG C 26 -134.58 -63.04 -75.47
N LYS C 27 -134.97 -64.00 -74.61
CA LYS C 27 -134.26 -64.38 -73.38
C LYS C 27 -132.84 -64.90 -73.74
N ARG C 28 -132.74 -65.68 -74.82
CA ARG C 28 -131.46 -66.21 -75.24
C ARG C 28 -130.53 -65.06 -75.68
N LEU C 29 -131.05 -64.14 -76.51
CA LEU C 29 -130.28 -62.99 -76.99
C LEU C 29 -129.88 -62.06 -75.87
N GLU C 30 -130.75 -61.86 -74.87
CA GLU C 30 -130.45 -61.02 -73.71
C GLU C 30 -129.33 -61.61 -72.85
N MET C 31 -129.30 -62.95 -72.68
CA MET C 31 -128.28 -63.65 -71.91
C MET C 31 -126.94 -63.52 -72.62
N TYR C 32 -126.93 -63.75 -73.95
CA TYR C 32 -125.71 -63.64 -74.73
C TYR C 32 -125.15 -62.21 -74.70
N THR C 33 -126.04 -61.19 -74.87
CA THR C 33 -125.65 -59.78 -74.83
C THR C 33 -124.99 -59.44 -73.50
N LYS C 34 -125.61 -59.85 -72.38
CA LYS C 34 -125.08 -59.59 -71.05
C LYS C 34 -123.63 -60.15 -70.93
N ALA C 35 -123.42 -61.40 -71.36
CA ALA C 35 -122.13 -62.09 -71.35
C ALA C 35 -121.12 -61.40 -72.25
N SER C 36 -121.55 -60.96 -73.46
CA SER C 36 -120.66 -60.30 -74.41
C SER C 36 -120.22 -58.94 -73.92
N LEU C 37 -121.15 -58.14 -73.38
CA LEU C 37 -120.81 -56.83 -72.84
C LEU C 37 -119.83 -56.98 -71.68
N LYS C 38 -120.09 -57.96 -70.78
CA LYS C 38 -119.25 -58.24 -69.64
C LYS C 38 -117.83 -58.59 -70.07
N THR C 39 -117.69 -59.46 -71.09
CA THR C 39 -116.39 -59.91 -71.59
C THR C 39 -115.63 -58.77 -72.26
N SER C 40 -116.26 -58.06 -73.19
CA SER C 40 -115.68 -56.95 -73.95
C SER C 40 -115.23 -55.83 -73.06
N ASN C 41 -116.02 -55.50 -72.02
CA ASN C 41 -115.66 -54.48 -71.05
C ASN C 41 -114.51 -54.94 -70.18
N GLN C 42 -114.48 -56.24 -69.78
CA GLN C 42 -113.40 -56.78 -68.96
C GLN C 42 -112.06 -56.71 -69.69
N LYS C 43 -112.05 -56.99 -70.98
CA LYS C 43 -110.83 -56.92 -71.81
C LYS C 43 -110.26 -55.54 -71.83
N ILE C 44 -111.13 -54.50 -71.99
CA ILE C 44 -110.73 -53.08 -71.98
C ILE C 44 -110.22 -52.75 -70.59
N GLU C 45 -110.92 -53.20 -69.54
CA GLU C 45 -110.51 -52.95 -68.17
C GLU C 45 -109.08 -53.53 -67.94
N HIS C 46 -108.75 -54.66 -68.55
CA HIS C 46 -107.43 -55.22 -68.39
C HIS C 46 -106.35 -54.37 -69.08
N VAL C 47 -106.68 -53.71 -70.20
CA VAL C 47 -105.73 -52.83 -70.89
C VAL C 47 -105.44 -51.63 -69.98
N TRP C 48 -106.47 -51.08 -69.40
CA TRP C 48 -106.40 -49.98 -68.46
C TRP C 48 -105.55 -50.36 -67.24
N LYS C 49 -105.80 -51.53 -66.64
CA LYS C 49 -105.03 -52.03 -65.47
C LYS C 49 -103.58 -52.26 -65.80
N THR C 50 -103.28 -52.76 -67.01
CA THR C 50 -101.90 -52.97 -67.48
C THR C 50 -101.18 -51.64 -67.60
N GLN C 51 -101.83 -50.65 -68.25
CA GLN C 51 -101.26 -49.31 -68.43
C GLN C 51 -101.02 -48.62 -67.08
N GLN C 52 -101.99 -48.72 -66.18
CA GLN C 52 -101.91 -48.20 -64.84
C GLN C 52 -100.78 -48.90 -64.07
N ASP C 53 -100.61 -50.24 -64.21
CA ASP C 53 -99.53 -50.98 -63.55
C ASP C 53 -98.17 -50.44 -64.00
N GLN C 54 -97.99 -50.25 -65.31
CA GLN C 54 -96.74 -49.74 -65.89
C GLN C 54 -96.46 -48.28 -65.49
N ARG C 55 -97.49 -47.44 -65.29
CA ARG C 55 -97.29 -46.07 -64.81
C ARG C 55 -96.83 -46.12 -63.34
N GLN C 56 -97.45 -46.98 -62.52
CA GLN C 56 -97.09 -47.12 -61.10
C GLN C 56 -95.68 -47.71 -60.94
N LYS C 57 -95.31 -48.67 -61.80
CA LYS C 57 -93.98 -49.31 -61.77
C LYS C 57 -92.91 -48.25 -62.08
N LEU C 58 -93.16 -47.41 -63.09
CA LEU C 58 -92.27 -46.31 -63.46
C LEU C 58 -92.10 -45.32 -62.31
N ASN C 59 -93.20 -44.96 -61.61
CA ASN C 59 -93.13 -44.09 -60.45
C ASN C 59 -92.31 -44.68 -59.33
N GLN C 60 -92.48 -45.97 -59.08
CA GLN C 60 -91.77 -46.69 -58.01
C GLN C 60 -90.26 -46.75 -58.29
N GLU C 61 -89.87 -46.97 -59.54
CA GLU C 61 -88.47 -46.99 -59.97
C GLU C 61 -87.81 -45.61 -59.77
N TYR C 62 -88.48 -44.52 -60.21
CA TYR C 62 -87.93 -43.17 -60.03
C TYR C 62 -87.95 -42.74 -58.56
N SER C 63 -89.00 -43.11 -57.81
CA SER C 63 -89.04 -42.78 -56.39
C SER C 63 -87.88 -43.40 -55.63
N GLN C 64 -87.44 -44.62 -56.02
CA GLN C 64 -86.31 -45.27 -55.35
C GLN C 64 -85.04 -44.44 -55.60
N GLN C 65 -84.81 -44.04 -56.86
CA GLN C 65 -83.68 -43.20 -57.28
C GLN C 65 -83.71 -41.82 -56.56
N PHE C 66 -84.87 -41.18 -56.44
CA PHE C 66 -84.98 -39.90 -55.73
C PHE C 66 -84.69 -40.05 -54.25
N LEU C 67 -85.18 -41.15 -53.65
CA LEU C 67 -84.96 -41.46 -52.24
C LEU C 67 -83.48 -41.66 -51.94
N THR C 68 -82.76 -42.36 -52.82
CA THR C 68 -81.30 -42.54 -52.72
C THR C 68 -80.60 -41.18 -52.70
N LEU C 69 -80.94 -40.27 -53.65
CA LEU C 69 -80.37 -38.93 -53.73
C LEU C 69 -80.63 -38.08 -52.47
N PHE C 70 -81.89 -38.10 -51.98
CA PHE C 70 -82.26 -37.33 -50.80
C PHE C 70 -81.57 -37.87 -49.53
N GLN C 71 -81.40 -39.20 -49.43
CA GLN C 71 -80.74 -39.87 -48.31
C GLN C 71 -79.27 -39.51 -48.30
N GLN C 72 -78.60 -39.59 -49.46
CA GLN C 72 -77.19 -39.24 -49.63
C GLN C 72 -76.96 -37.75 -49.27
N TRP C 73 -77.89 -36.88 -49.68
CA TRP C 73 -77.80 -35.46 -49.38
C TRP C 73 -77.89 -35.21 -47.86
N ASP C 74 -78.85 -35.88 -47.19
CA ASP C 74 -79.05 -35.77 -45.75
C ASP C 74 -77.81 -36.23 -44.98
N LEU C 75 -77.16 -37.34 -45.41
CA LEU C 75 -75.94 -37.86 -44.79
C LEU C 75 -74.77 -36.90 -44.96
N ASP C 76 -74.67 -36.27 -46.15
CA ASP C 76 -73.63 -35.30 -46.47
C ASP C 76 -73.77 -34.02 -45.64
N MET C 77 -75.01 -33.65 -45.28
CA MET C 77 -75.28 -32.49 -44.44
C MET C 77 -74.94 -32.78 -42.99
N GLN C 78 -75.04 -34.06 -42.56
CA GLN C 78 -74.69 -34.52 -41.23
C GLN C 78 -73.16 -34.50 -41.07
N LYS C 79 -72.43 -34.94 -42.12
CA LYS C 79 -70.97 -34.93 -42.18
C LYS C 79 -70.45 -33.49 -42.18
N ALA C 80 -71.11 -32.58 -42.93
CA ALA C 80 -70.75 -31.16 -43.01
C ALA C 80 -70.92 -30.45 -41.65
N GLU C 81 -71.95 -30.85 -40.87
CA GLU C 81 -72.22 -30.34 -39.52
C GLU C 81 -71.11 -30.83 -38.55
N GLU C 82 -70.70 -32.12 -38.72
CA GLU C 82 -69.65 -32.79 -37.95
C GLU C 82 -68.30 -32.10 -38.14
N GLN C 83 -67.94 -31.74 -39.39
CA GLN C 83 -66.69 -31.06 -39.72
C GLN C 83 -66.67 -29.62 -39.24
N GLU C 84 -67.82 -28.92 -39.36
CA GLU C 84 -68.03 -27.52 -38.95
C GLU C 84 -67.79 -27.36 -37.44
N GLU C 85 -68.22 -28.35 -36.63
CA GLU C 85 -68.03 -28.37 -35.17
C GLU C 85 -66.53 -28.53 -34.82
N LYS C 86 -65.79 -29.35 -35.60
CA LYS C 86 -64.35 -29.59 -35.43
C LYS C 86 -63.53 -28.32 -35.72
N ILE C 87 -63.86 -27.60 -36.82
CA ILE C 87 -63.18 -26.36 -37.22
C ILE C 87 -63.45 -25.22 -36.21
N LEU C 88 -64.70 -25.12 -35.70
CA LEU C 88 -65.13 -24.14 -34.69
C LEU C 88 -64.39 -24.38 -33.37
N ASN C 89 -64.10 -25.66 -33.04
CA ASN C 89 -63.36 -26.09 -31.84
C ASN C 89 -61.86 -25.81 -31.98
N MET C 90 -61.25 -26.16 -33.15
CA MET C 90 -59.84 -25.95 -33.49
C MET C 90 -59.47 -24.47 -33.48
N PHE C 91 -60.43 -23.59 -33.82
CA PHE C 91 -60.26 -22.15 -33.84
C PHE C 91 -60.33 -21.59 -32.41
N ARG C 92 -61.24 -22.14 -31.57
CA ARG C 92 -61.42 -21.71 -30.17
C ARG C 92 -60.14 -21.88 -29.33
N GLN C 93 -59.36 -22.95 -29.62
CA GLN C 93 -58.06 -23.23 -28.97
C GLN C 93 -57.03 -22.21 -29.48
N GLN C 94 -56.94 -22.04 -30.82
CA GLN C 94 -56.01 -21.10 -31.45
C GLN C 94 -56.34 -19.63 -31.16
N GLN C 95 -57.61 -19.30 -30.87
CA GLN C 95 -58.03 -17.94 -30.53
C GLN C 95 -57.46 -17.54 -29.15
N LYS C 96 -57.41 -18.53 -28.21
CA LYS C 96 -56.90 -18.40 -26.84
C LYS C 96 -55.39 -18.21 -26.82
N ILE C 97 -54.67 -19.05 -27.59
CA ILE C 97 -53.20 -19.05 -27.75
C ILE C 97 -52.73 -17.70 -28.33
N LEU C 98 -53.43 -17.19 -29.36
CA LEU C 98 -53.13 -15.93 -30.06
C LEU C 98 -53.33 -14.68 -29.19
N GLN C 99 -54.45 -14.61 -28.44
CA GLN C 99 -54.77 -13.48 -27.56
C GLN C 99 -53.83 -13.44 -26.34
N GLN C 100 -53.37 -14.61 -25.87
CA GLN C 100 -52.42 -14.75 -24.77
C GLN C 100 -51.01 -14.36 -25.22
N SER C 101 -50.60 -14.78 -26.45
CA SER C 101 -49.30 -14.48 -27.06
C SER C 101 -49.12 -12.98 -27.31
N ARG C 102 -50.24 -12.26 -27.40
CA ARG C 102 -50.30 -10.82 -27.59
C ARG C 102 -50.14 -10.11 -26.23
N ILE C 103 -50.74 -10.70 -25.18
CA ILE C 103 -50.68 -10.21 -23.80
C ILE C 103 -49.24 -10.31 -23.26
N VAL C 104 -48.53 -11.43 -23.57
CA VAL C 104 -47.13 -11.67 -23.20
C VAL C 104 -46.27 -10.53 -23.79
N GLN C 105 -46.52 -10.18 -25.08
CA GLN C 105 -45.80 -9.11 -25.77
C GLN C 105 -46.02 -7.72 -25.20
N SER C 106 -47.27 -7.37 -24.82
CA SER C 106 -47.54 -6.06 -24.21
C SER C 106 -46.89 -5.94 -22.81
N GLN C 107 -46.69 -7.09 -22.13
CA GLN C 107 -46.03 -7.20 -20.84
C GLN C 107 -44.51 -6.98 -21.01
N ARG C 108 -43.95 -7.52 -22.10
CA ARG C 108 -42.56 -7.43 -22.50
C ARG C 108 -42.16 -5.97 -22.70
N LEU C 109 -43.01 -5.20 -23.37
CA LEU C 109 -42.80 -3.78 -23.58
C LEU C 109 -42.81 -3.00 -22.25
N LYS C 110 -43.71 -3.37 -21.34
CA LYS C 110 -43.79 -2.77 -20.01
C LYS C 110 -42.50 -3.07 -19.22
N THR C 111 -42.02 -4.33 -19.28
CA THR C 111 -40.80 -4.83 -18.63
C THR C 111 -39.55 -4.08 -19.09
N ILE C 112 -39.38 -3.92 -20.42
CA ILE C 112 -38.26 -3.22 -21.02
C ILE C 112 -38.29 -1.74 -20.66
N LYS C 113 -39.48 -1.11 -20.71
CA LYS C 113 -39.65 0.31 -20.40
C LYS C 113 -39.28 0.57 -18.93
N GLN C 114 -39.72 -0.33 -18.03
CA GLN C 114 -39.44 -0.22 -16.61
C GLN C 114 -37.96 -0.45 -16.30
N LEU C 115 -37.33 -1.42 -16.97
CA LEU C 115 -35.93 -1.72 -16.79
C LEU C 115 -35.08 -0.54 -17.28
N TYR C 116 -35.47 0.09 -18.40
CA TYR C 116 -34.77 1.24 -18.91
C TYR C 116 -34.81 2.42 -17.92
N GLU C 117 -35.98 2.69 -17.34
CA GLU C 117 -36.17 3.77 -16.37
C GLU C 117 -35.36 3.54 -15.10
N GLN C 118 -35.29 2.28 -14.67
CA GLN C 118 -34.54 1.80 -13.51
C GLN C 118 -33.03 2.03 -13.76
N PHE C 119 -32.55 1.70 -14.97
CA PHE C 119 -31.16 1.87 -15.40
C PHE C 119 -30.72 3.34 -15.32
N ILE C 120 -31.54 4.24 -15.89
CA ILE C 120 -31.28 5.67 -15.89
C ILE C 120 -31.28 6.20 -14.45
N LYS C 121 -32.26 5.76 -13.63
CA LYS C 121 -32.36 6.19 -12.25
C LYS C 121 -31.15 5.71 -11.43
N SER C 122 -30.71 4.45 -11.64
CA SER C 122 -29.56 3.90 -10.94
C SER C 122 -28.28 4.70 -11.25
N MET C 123 -28.10 5.11 -12.53
CA MET C 123 -26.95 5.93 -12.93
C MET C 123 -26.94 7.30 -12.23
N GLU C 124 -28.11 7.91 -12.05
CA GLU C 124 -28.30 9.20 -11.35
C GLU C 124 -27.97 9.10 -9.85
N GLU C 125 -28.46 8.02 -9.20
CA GLU C 125 -28.22 7.73 -7.79
C GLU C 125 -26.72 7.50 -7.57
N LEU C 126 -26.06 6.79 -8.49
CA LEU C 126 -24.63 6.48 -8.43
C LEU C 126 -23.82 7.76 -8.50
N GLU C 127 -24.20 8.69 -9.38
CA GLU C 127 -23.55 10.03 -9.47
C GLU C 127 -23.53 10.78 -8.12
N LYS C 128 -24.66 10.76 -7.40
CA LYS C 128 -24.81 11.40 -6.07
C LYS C 128 -23.93 10.76 -5.00
N ASN C 129 -23.86 9.41 -5.01
CA ASN C 129 -22.97 8.67 -4.12
C ASN C 129 -21.50 8.99 -4.43
N HIS C 130 -21.17 9.12 -5.71
CA HIS C 130 -19.83 9.39 -6.20
C HIS C 130 -19.35 10.79 -5.86
N ASP C 131 -20.29 11.76 -5.83
CA ASP C 131 -20.04 13.11 -5.39
C ASP C 131 -19.51 13.09 -3.92
N ASN C 132 -20.21 12.34 -3.05
CA ASN C 132 -19.83 12.18 -1.64
C ASN C 132 -18.50 11.43 -1.47
N LEU C 133 -18.21 10.44 -2.32
CA LEU C 133 -16.94 9.73 -2.22
C LEU C 133 -15.78 10.67 -2.56
N LEU C 134 -15.95 11.52 -3.58
CA LEU C 134 -14.90 12.45 -3.94
C LEU C 134 -14.68 13.51 -2.87
N THR C 135 -15.78 14.08 -2.35
CA THR C 135 -15.71 15.11 -1.31
C THR C 135 -15.01 14.59 -0.05
N GLY C 136 -15.38 13.39 0.34
CA GLY C 136 -14.80 12.70 1.47
C GLY C 136 -13.31 12.49 1.27
N ALA C 137 -12.92 12.01 0.09
CA ALA C 137 -11.50 11.77 -0.24
C ALA C 137 -10.68 13.06 -0.26
N GLN C 138 -11.27 14.14 -0.80
CA GLN C 138 -10.62 15.45 -0.86
C GLN C 138 -10.39 16.03 0.53
N ASN C 139 -11.36 15.85 1.44
N ASN C 139 -11.38 15.86 1.45
CA ASN C 139 -11.24 16.30 2.84
CA ASN C 139 -11.26 16.30 2.85
C ASN C 139 -10.16 15.52 3.57
C ASN C 139 -10.16 15.52 3.57
N GLU C 140 -10.04 14.20 3.32
CA GLU C 140 -8.97 13.39 3.93
C GLU C 140 -7.60 13.85 3.44
N PHE C 141 -7.52 14.19 2.14
CA PHE C 141 -6.30 14.68 1.50
C PHE C 141 -5.87 15.99 2.17
N LYS C 142 -6.83 16.91 2.41
CA LYS C 142 -6.57 18.18 3.07
C LYS C 142 -6.05 17.99 4.49
N LYS C 143 -6.61 17.04 5.25
CA LYS C 143 -6.13 16.71 6.61
C LYS C 143 -4.69 16.14 6.55
N GLU C 144 -4.38 15.36 5.53
CA GLU C 144 -3.04 14.76 5.37
C GLU C 144 -2.01 15.81 5.06
N MET C 145 -2.38 16.80 4.23
CA MET C 145 -1.48 17.89 3.86
C MET C 145 -1.27 18.83 5.02
N ALA C 146 -2.29 19.05 5.87
CA ALA C 146 -2.19 19.89 7.07
C ALA C 146 -1.24 19.19 8.06
N MET C 147 -1.39 17.87 8.23
CA MET C 147 -0.51 17.09 9.11
C MET C 147 0.92 17.13 8.63
N LEU C 148 1.13 16.99 7.31
CA LEU C 148 2.45 17.03 6.71
C LEU C 148 3.08 18.39 6.93
N GLN C 149 2.36 19.51 6.67
CA GLN C 149 2.90 20.86 6.87
C GLN C 149 3.27 21.12 8.33
N LYS C 150 2.42 20.66 9.28
CA LYS C 150 2.68 20.80 10.71
C LYS C 150 4.01 20.06 11.05
N LYS C 151 4.23 18.85 10.49
CA LYS C 151 5.47 18.11 10.72
C LYS C 151 6.69 18.86 10.20
N ILE C 152 6.61 19.37 8.97
CA ILE C 152 7.72 20.12 8.37
C ILE C 152 8.04 21.36 9.19
N MET C 153 7.00 22.10 9.60
CA MET C 153 7.15 23.32 10.38
C MET C 153 7.86 23.08 11.71
N MET C 154 7.36 22.11 12.49
CA MET C 154 7.90 21.74 13.79
C MET C 154 9.32 21.21 13.72
N GLU C 155 9.63 20.39 12.69
CA GLU C 155 10.95 19.78 12.54
C GLU C 155 11.99 20.70 11.99
N THR C 156 11.61 21.73 11.23
CA THR C 156 12.59 22.70 10.72
C THR C 156 13.00 23.73 11.79
N GLN C 157 12.27 23.74 12.90
CA GLN C 157 12.53 24.59 14.05
C GLN C 157 13.56 23.95 15.00
N GLN C 158 13.71 22.60 14.96
CA GLN C 158 14.66 21.85 15.77
C GLN C 158 16.08 21.99 15.22
N ILE D 18 11.93 37.40 17.68
CA ILE D 18 12.32 36.15 17.01
C ILE D 18 11.15 35.16 16.94
N ASN D 19 10.49 34.90 18.10
CA ASN D 19 9.34 34.01 18.16
C ASN D 19 8.11 34.64 17.53
N LYS D 20 8.01 35.99 17.59
CA LYS D 20 6.94 36.78 16.97
C LYS D 20 7.03 36.62 15.42
N ALA D 21 8.27 36.66 14.89
CA ALA D 21 8.61 36.50 13.48
C ALA D 21 8.30 35.08 13.03
N LEU D 22 8.61 34.09 13.87
CA LEU D 22 8.39 32.67 13.61
C LEU D 22 6.91 32.37 13.47
N LEU D 23 6.07 32.93 14.36
CA LEU D 23 4.64 32.74 14.35
C LEU D 23 3.98 33.42 13.14
N ALA D 24 4.47 34.61 12.77
CA ALA D 24 4.00 35.36 11.62
C ALA D 24 4.27 34.57 10.33
N LYS D 25 5.48 33.98 10.21
CA LYS D 25 5.89 33.17 9.07
C LYS D 25 5.01 31.93 8.95
N ARG D 26 4.75 31.25 10.08
CA ARG D 26 3.92 30.06 10.16
C ARG D 26 2.48 30.34 9.75
N LYS D 27 1.91 31.44 10.27
CA LYS D 27 0.55 31.89 9.95
C LYS D 27 0.43 32.23 8.45
N ARG D 28 1.46 32.86 7.88
CA ARG D 28 1.47 33.18 6.46
C ARG D 28 1.43 31.88 5.62
N LEU D 29 2.28 30.91 5.94
CA LEU D 29 2.35 29.63 5.25
C LEU D 29 1.07 28.83 5.40
N GLU D 30 0.46 28.85 6.58
CA GLU D 30 -0.81 28.17 6.84
C GLU D 30 -1.96 28.75 5.99
N MET D 31 -2.01 30.08 5.86
CA MET D 31 -3.03 30.76 5.07
C MET D 31 -2.85 30.41 3.58
N TYR D 32 -1.60 30.44 3.08
CA TYR D 32 -1.32 30.10 1.69
C TYR D 32 -1.67 28.64 1.38
N THR D 33 -1.31 27.71 2.30
CA THR D 33 -1.61 26.28 2.18
C THR D 33 -3.11 26.06 2.07
N LYS D 34 -3.88 26.68 2.95
CA LYS D 34 -5.33 26.55 2.97
C LYS D 34 -5.92 26.95 1.59
N ALA D 35 -5.49 28.12 1.06
CA ALA D 35 -5.91 28.68 -0.20
C ALA D 35 -5.49 27.76 -1.37
N SER D 36 -4.25 27.23 -1.34
CA SER D 36 -3.75 26.36 -2.39
C SER D 36 -4.48 25.06 -2.44
N LEU D 37 -4.71 24.40 -1.28
CA LEU D 37 -5.47 23.15 -1.22
C LEU D 37 -6.87 23.36 -1.74
N LYS D 38 -7.51 24.48 -1.31
CA LYS D 38 -8.87 24.83 -1.74
C LYS D 38 -8.95 24.97 -3.26
N THR D 39 -7.98 25.66 -3.88
CA THR D 39 -7.97 25.90 -5.32
C THR D 39 -7.72 24.63 -6.11
N SER D 40 -6.70 23.86 -5.72
CA SER D 40 -6.31 22.62 -6.38
C SER D 40 -7.43 21.60 -6.35
N ASN D 41 -8.14 21.50 -5.20
CA ASN D 41 -9.26 20.60 -5.04
C ASN D 41 -10.44 21.05 -5.86
N GLN D 42 -10.71 22.38 -5.92
CA GLN D 42 -11.81 22.92 -6.69
C GLN D 42 -11.64 22.63 -8.19
N LYS D 43 -10.41 22.74 -8.72
CA LYS D 43 -10.12 22.46 -10.11
C LYS D 43 -10.42 21.01 -10.45
N ILE D 44 -10.04 20.05 -9.58
CA ILE D 44 -10.34 18.62 -9.72
C ILE D 44 -11.85 18.41 -9.65
N GLU D 45 -12.53 19.10 -8.72
CA GLU D 45 -13.97 19.01 -8.59
C GLU D 45 -14.63 19.45 -9.89
N HIS D 46 -14.08 20.47 -10.56
CA HIS D 46 -14.67 20.94 -11.81
C HIS D 46 -14.52 19.91 -12.94
N VAL D 47 -13.40 19.16 -12.96
CA VAL D 47 -13.19 18.10 -13.96
C VAL D 47 -14.25 17.03 -13.77
N TRP D 48 -14.48 16.63 -12.50
CA TRP D 48 -15.47 15.67 -12.09
C TRP D 48 -16.87 16.13 -12.51
N LYS D 49 -17.22 17.41 -12.25
CA LYS D 49 -18.54 17.97 -12.60
C LYS D 49 -18.75 18.03 -14.09
N THR D 50 -17.68 18.29 -14.86
CA THR D 50 -17.74 18.34 -16.31
C THR D 50 -18.03 16.95 -16.84
N GLN D 51 -17.29 15.95 -16.35
CA GLN D 51 -17.45 14.56 -16.77
C GLN D 51 -18.84 14.05 -16.42
N GLN D 52 -19.30 14.34 -15.21
CA GLN D 52 -20.64 14.02 -14.75
C GLN D 52 -21.71 14.71 -15.63
N ASP D 53 -21.50 16.00 -16.02
CA ASP D 53 -22.44 16.71 -16.90
C ASP D 53 -22.55 16.00 -18.25
N GLN D 54 -21.42 15.61 -18.83
CA GLN D 54 -21.36 14.88 -20.11
C GLN D 54 -21.98 13.49 -20.05
N ARG D 55 -21.87 12.78 -18.90
CA ARG D 55 -22.53 11.47 -18.74
C ARG D 55 -24.04 11.67 -18.65
N GLN D 56 -24.50 12.69 -17.91
CA GLN D 56 -25.94 12.98 -17.79
C GLN D 56 -26.54 13.49 -19.10
N LYS D 57 -25.79 14.30 -19.85
CA LYS D 57 -26.25 14.80 -21.16
C LYS D 57 -26.45 13.59 -22.12
N LEU D 58 -25.51 12.65 -22.12
CA LEU D 58 -25.60 11.44 -22.94
C LEU D 58 -26.83 10.62 -22.57
N ASN D 59 -27.10 10.46 -21.26
CA ASN D 59 -28.27 9.73 -20.79
C ASN D 59 -29.56 10.38 -21.24
N GLN D 60 -29.62 11.72 -21.17
CA GLN D 60 -30.79 12.49 -21.55
C GLN D 60 -31.10 12.36 -23.03
N GLU D 61 -30.06 12.43 -23.88
CA GLU D 61 -30.17 12.26 -25.33
C GLU D 61 -30.71 10.88 -25.71
N TYR D 62 -30.16 9.79 -25.12
CA TYR D 62 -30.63 8.44 -25.39
C TYR D 62 -31.99 8.20 -24.80
N SER D 63 -32.28 8.72 -23.58
CA SER D 63 -33.60 8.56 -22.98
C SER D 63 -34.70 9.14 -23.88
N GLN D 64 -34.42 10.27 -24.56
CA GLN D 64 -35.42 10.88 -25.45
C GLN D 64 -35.71 9.92 -26.61
N GLN D 65 -34.65 9.38 -27.24
CA GLN D 65 -34.74 8.40 -28.32
C GLN D 65 -35.48 7.12 -27.87
N PHE D 66 -35.16 6.55 -26.68
CA PHE D 66 -35.84 5.37 -26.17
C PHE D 66 -37.31 5.64 -25.90
N LEU D 67 -37.63 6.83 -25.36
CA LEU D 67 -39.00 7.25 -25.06
C LEU D 67 -39.85 7.31 -26.32
N THR D 68 -39.28 7.87 -27.40
CA THR D 68 -39.92 7.94 -28.71
C THR D 68 -40.26 6.50 -29.19
N LEU D 69 -39.28 5.57 -29.14
CA LEU D 69 -39.46 4.17 -29.53
C LEU D 69 -40.53 3.45 -28.72
N PHE D 70 -40.53 3.63 -27.40
CA PHE D 70 -41.51 3.00 -26.52
C PHE D 70 -42.92 3.50 -26.73
N GLN D 71 -43.07 4.79 -27.08
CA GLN D 71 -44.32 5.48 -27.38
C GLN D 71 -44.87 4.89 -28.69
N GLN D 72 -44.01 4.80 -29.72
CA GLN D 72 -44.37 4.21 -31.02
C GLN D 72 -44.70 2.74 -30.91
N TRP D 73 -43.99 1.98 -30.06
CA TRP D 73 -44.28 0.56 -29.86
C TRP D 73 -45.66 0.39 -29.21
N ASP D 74 -45.96 1.22 -28.20
CA ASP D 74 -47.24 1.21 -27.51
C ASP D 74 -48.40 1.36 -28.50
N LEU D 75 -48.29 2.33 -29.44
CA LEU D 75 -49.30 2.57 -30.48
C LEU D 75 -49.45 1.39 -31.45
N ASP D 76 -48.32 0.89 -31.97
CA ASP D 76 -48.31 -0.24 -32.91
C ASP D 76 -48.78 -1.57 -32.34
N MET D 77 -48.64 -1.78 -31.01
CA MET D 77 -49.13 -3.00 -30.38
C MET D 77 -50.66 -2.90 -30.25
N GLN D 78 -51.17 -1.67 -30.05
CA GLN D 78 -52.61 -1.37 -29.99
C GLN D 78 -53.22 -1.55 -31.39
N LYS D 79 -52.46 -1.18 -32.45
CA LYS D 79 -52.82 -1.32 -33.85
C LYS D 79 -52.96 -2.81 -34.18
N ALA D 80 -51.98 -3.62 -33.73
CA ALA D 80 -51.87 -5.06 -33.94
C ALA D 80 -52.99 -5.85 -33.27
N GLU D 81 -53.47 -5.36 -32.10
CA GLU D 81 -54.58 -5.96 -31.35
C GLU D 81 -55.89 -5.74 -32.13
N GLU D 82 -56.08 -4.52 -32.69
CA GLU D 82 -57.24 -4.12 -33.48
C GLU D 82 -57.37 -4.97 -34.74
N GLN D 83 -56.24 -5.19 -35.45
CA GLN D 83 -56.18 -5.96 -36.70
C GLN D 83 -56.34 -7.47 -36.47
N GLU D 84 -55.88 -7.97 -35.31
CA GLU D 84 -56.00 -9.37 -34.89
C GLU D 84 -57.48 -9.69 -34.64
N GLU D 85 -58.23 -8.73 -34.03
CA GLU D 85 -59.66 -8.83 -33.74
C GLU D 85 -60.47 -8.89 -35.06
N LYS D 86 -60.03 -8.13 -36.12
CA LYS D 86 -60.66 -8.09 -37.45
C LYS D 86 -60.57 -9.44 -38.15
N ILE D 87 -59.39 -10.12 -38.11
CA ILE D 87 -59.21 -11.45 -38.69
C ILE D 87 -60.01 -12.54 -37.95
N LEU D 88 -60.04 -12.47 -36.60
CA LEU D 88 -60.82 -13.39 -35.76
C LEU D 88 -62.33 -13.21 -36.03
N ASN D 89 -62.79 -11.97 -36.30
CA ASN D 89 -64.19 -11.63 -36.64
C ASN D 89 -64.55 -12.18 -38.03
N MET D 90 -63.61 -12.04 -39.00
CA MET D 90 -63.73 -12.55 -40.37
C MET D 90 -63.91 -14.05 -40.35
N PHE D 91 -63.20 -14.76 -39.46
CA PHE D 91 -63.35 -16.22 -39.33
C PHE D 91 -64.76 -16.58 -38.76
N ARG D 92 -65.20 -15.87 -37.70
CA ARG D 92 -66.49 -16.06 -37.04
C ARG D 92 -67.65 -15.76 -37.98
N GLN D 93 -67.48 -14.73 -38.85
CA GLN D 93 -68.48 -14.30 -39.84
C GLN D 93 -68.60 -15.34 -40.97
N GLN D 94 -67.45 -15.91 -41.40
CA GLN D 94 -67.34 -16.95 -42.42
C GLN D 94 -67.89 -18.30 -41.89
N GLN D 95 -67.79 -18.56 -40.57
CA GLN D 95 -68.33 -19.78 -39.97
C GLN D 95 -69.85 -19.68 -39.91
N LYS D 96 -70.39 -18.45 -39.78
CA LYS D 96 -71.82 -18.13 -39.75
C LYS D 96 -72.45 -18.34 -41.15
N ILE D 97 -71.70 -18.00 -42.21
CA ILE D 97 -72.13 -18.17 -43.60
C ILE D 97 -72.15 -19.66 -43.94
N LEU D 98 -71.13 -20.41 -43.48
CA LEU D 98 -71.01 -21.86 -43.65
C LEU D 98 -72.11 -22.64 -42.91
N GLN D 99 -72.56 -22.13 -41.73
CA GLN D 99 -73.62 -22.71 -40.88
C GLN D 99 -75.00 -22.44 -41.49
N GLN D 100 -75.23 -21.20 -41.96
CA GLN D 100 -76.47 -20.75 -42.61
C GLN D 100 -76.73 -21.49 -43.93
N SER D 101 -75.68 -21.65 -44.79
CA SER D 101 -75.77 -22.35 -46.06
C SER D 101 -76.21 -23.80 -45.84
N ARG D 102 -75.70 -24.44 -44.75
CA ARG D 102 -76.06 -25.82 -44.37
C ARG D 102 -77.54 -25.87 -43.96
N ILE D 103 -78.01 -24.87 -43.18
CA ILE D 103 -79.40 -24.77 -42.72
C ILE D 103 -80.36 -24.59 -43.91
N VAL D 104 -79.99 -23.70 -44.86
CA VAL D 104 -80.75 -23.41 -46.07
C VAL D 104 -80.84 -24.67 -46.97
N GLN D 105 -79.73 -25.41 -47.12
CA GLN D 105 -79.63 -26.66 -47.87
C GLN D 105 -80.58 -27.69 -47.32
N SER D 106 -80.65 -27.81 -45.97
CA SER D 106 -81.51 -28.78 -45.30
C SER D 106 -82.98 -28.45 -45.53
N GLN D 107 -83.34 -27.15 -45.59
CA GLN D 107 -84.72 -26.73 -45.85
C GLN D 107 -85.08 -27.03 -47.31
N ARG D 108 -84.16 -26.68 -48.24
CA ARG D 108 -84.24 -26.91 -49.68
C ARG D 108 -84.50 -28.39 -49.95
N LEU D 109 -83.73 -29.29 -49.28
CA LEU D 109 -83.86 -30.73 -49.41
C LEU D 109 -85.25 -31.14 -48.96
N LYS D 110 -85.73 -30.60 -47.81
CA LYS D 110 -87.04 -30.88 -47.25
C LYS D 110 -88.14 -30.44 -48.25
N THR D 111 -88.02 -29.24 -48.83
CA THR D 111 -88.97 -28.65 -49.79
C THR D 111 -89.11 -29.50 -51.06
N ILE D 112 -87.97 -29.91 -51.66
CA ILE D 112 -87.92 -30.73 -52.87
C ILE D 112 -88.46 -32.12 -52.57
N LYS D 113 -88.06 -32.72 -51.43
CA LYS D 113 -88.52 -34.05 -51.02
C LYS D 113 -90.03 -34.05 -50.81
N GLN D 114 -90.58 -32.99 -50.20
CA GLN D 114 -92.00 -32.86 -49.96
C GLN D 114 -92.78 -32.67 -51.26
N LEU D 115 -92.23 -31.88 -52.20
CA LEU D 115 -92.88 -31.63 -53.48
C LEU D 115 -92.92 -32.92 -54.30
N TYR D 116 -91.83 -33.69 -54.26
CA TYR D 116 -91.76 -34.97 -54.95
C TYR D 116 -92.78 -35.98 -54.39
N GLU D 117 -92.91 -36.07 -53.06
CA GLU D 117 -93.87 -36.97 -52.41
C GLU D 117 -95.30 -36.57 -52.72
N GLN D 118 -95.57 -35.29 -52.78
CA GLN D 118 -96.86 -34.68 -53.11
C GLN D 118 -97.24 -35.07 -54.57
N PHE D 119 -96.27 -34.98 -55.51
CA PHE D 119 -96.42 -35.33 -56.93
C PHE D 119 -96.82 -36.81 -57.08
N ILE D 120 -96.08 -37.71 -56.42
CA ILE D 120 -96.33 -39.15 -56.45
C ILE D 120 -97.71 -39.46 -55.85
N LYS D 121 -98.05 -38.81 -54.73
CA LYS D 121 -99.34 -39.00 -54.10
C LYS D 121 -100.48 -38.51 -55.01
N SER D 122 -100.31 -37.34 -55.66
CA SER D 122 -101.32 -36.80 -56.58
C SER D 122 -101.57 -37.75 -57.76
N MET D 123 -100.52 -38.38 -58.30
CA MET D 123 -100.63 -39.35 -59.39
C MET D 123 -101.45 -40.57 -58.97
N GLU D 124 -101.27 -41.05 -57.69
CA GLU D 124 -102.00 -42.20 -57.13
C GLU D 124 -103.49 -41.87 -56.93
N GLU D 125 -103.78 -40.68 -56.44
CA GLU D 125 -105.14 -40.16 -56.24
C GLU D 125 -105.86 -40.04 -57.59
N LEU D 126 -105.14 -39.55 -58.63
CA LEU D 126 -105.64 -39.40 -59.99
C LEU D 126 -105.99 -40.76 -60.58
N GLU D 127 -105.15 -41.79 -60.34
CA GLU D 127 -105.40 -43.17 -60.80
C GLU D 127 -106.75 -43.70 -60.25
N LYS D 128 -107.04 -43.45 -58.97
CA LYS D 128 -108.29 -43.85 -58.30
C LYS D 128 -109.50 -43.14 -58.90
N ASN D 129 -109.38 -41.84 -59.17
CA ASN D 129 -110.44 -41.05 -59.81
C ASN D 129 -110.71 -41.54 -61.23
N HIS D 130 -109.65 -41.90 -61.95
CA HIS D 130 -109.71 -42.37 -63.31
C HIS D 130 -110.34 -43.76 -63.41
N ASP D 131 -110.09 -44.62 -62.40
CA ASP D 131 -110.70 -45.94 -62.26
C ASP D 131 -112.26 -45.76 -62.21
N ASN D 132 -112.73 -44.79 -61.41
CA ASN D 132 -114.17 -44.49 -61.30
C ASN D 132 -114.76 -43.91 -62.58
N LEU D 133 -114.00 -43.08 -63.32
CA LEU D 133 -114.49 -42.53 -64.57
C LEU D 133 -114.67 -43.62 -65.59
N LEU D 134 -113.72 -44.59 -65.66
CA LEU D 134 -113.82 -45.68 -66.61
C LEU D 134 -115.02 -46.58 -66.26
N THR D 135 -115.18 -46.94 -64.97
CA THR D 135 -116.27 -47.80 -64.51
C THR D 135 -117.63 -47.19 -64.85
N GLY D 136 -117.74 -45.90 -64.58
CA GLY D 136 -118.95 -45.14 -64.86
C GLY D 136 -119.25 -45.15 -66.34
N ALA D 137 -118.23 -44.89 -67.19
CA ALA D 137 -118.39 -44.86 -68.65
C ALA D 137 -118.78 -46.23 -69.20
N GLN D 138 -118.17 -47.30 -68.65
CA GLN D 138 -118.47 -48.67 -69.07
C GLN D 138 -119.89 -49.08 -68.74
N ASN D 139 -120.36 -48.69 -67.55
CA ASN D 139 -121.76 -48.92 -67.12
C ASN D 139 -122.76 -48.17 -68.00
N GLU D 140 -122.44 -46.93 -68.41
CA GLU D 140 -123.32 -46.14 -69.29
C GLU D 140 -123.38 -46.81 -70.66
N PHE D 141 -122.24 -47.30 -71.14
CA PHE D 141 -122.13 -47.99 -72.42
C PHE D 141 -123.02 -49.25 -72.40
N LYS D 142 -122.98 -50.03 -71.29
CA LYS D 142 -123.78 -51.24 -71.12
C LYS D 142 -125.28 -50.91 -71.16
N LYS D 143 -125.70 -49.79 -70.51
CA LYS D 143 -127.10 -49.34 -70.53
C LYS D 143 -127.53 -48.95 -71.95
N GLU D 144 -126.65 -48.31 -72.72
CA GLU D 144 -126.92 -47.90 -74.09
C GLU D 144 -127.10 -49.09 -74.99
N MET D 145 -126.27 -50.12 -74.82
CA MET D 145 -126.34 -51.35 -75.62
C MET D 145 -127.57 -52.14 -75.30
N ALA D 146 -127.99 -52.16 -74.03
CA ALA D 146 -129.21 -52.83 -73.58
C ALA D 146 -130.44 -52.12 -74.19
N MET D 147 -130.43 -50.78 -74.18
CA MET D 147 -131.52 -49.98 -74.76
C MET D 147 -131.58 -50.18 -76.28
N LEU D 148 -130.43 -50.24 -76.94
CA LEU D 148 -130.35 -50.45 -78.37
C LEU D 148 -130.89 -51.84 -78.73
N GLN D 149 -130.50 -52.89 -77.99
CA GLN D 149 -131.00 -54.25 -78.25
C GLN D 149 -132.52 -54.33 -78.04
N LYS D 150 -133.04 -53.71 -76.98
CA LYS D 150 -134.48 -53.68 -76.69
C LYS D 150 -135.21 -53.01 -77.88
N LYS D 151 -134.68 -51.91 -78.42
CA LYS D 151 -135.28 -51.22 -79.57
C LYS D 151 -135.31 -52.13 -80.79
N ILE D 152 -134.19 -52.82 -81.09
CA ILE D 152 -134.11 -53.73 -82.23
C ILE D 152 -135.12 -54.86 -82.09
N MET D 153 -135.18 -55.46 -80.90
CA MET D 153 -136.07 -56.56 -80.58
C MET D 153 -137.52 -56.21 -80.82
N MET D 154 -138.00 -55.12 -80.21
CA MET D 154 -139.38 -54.67 -80.34
C MET D 154 -139.74 -54.27 -81.75
N GLU D 155 -138.87 -53.51 -82.42
CA GLU D 155 -139.13 -53.05 -83.78
C GLU D 155 -139.11 -54.11 -84.85
N THR D 156 -138.20 -55.09 -84.78
CA THR D 156 -138.09 -56.18 -85.78
C THR D 156 -139.35 -57.05 -85.75
N GLN D 157 -139.79 -57.42 -84.53
CA GLN D 157 -140.96 -58.25 -84.27
C GLN D 157 -142.23 -57.61 -84.86
N GLN D 158 -142.56 -56.37 -84.44
CA GLN D 158 -143.75 -55.67 -84.94
C GLN D 158 -143.48 -54.97 -86.25
N ASN E 19 138.81 62.23 95.03
CA ASN E 19 137.74 61.30 95.40
C ASN E 19 136.33 61.77 95.00
N LYS E 20 136.09 63.09 94.97
CA LYS E 20 134.85 63.70 94.48
C LYS E 20 134.80 63.45 92.95
N ALA E 21 135.97 63.58 92.28
CA ALA E 21 136.21 63.33 90.85
C ALA E 21 135.97 61.87 90.51
N LEU E 22 136.45 60.96 91.40
CA LEU E 22 136.33 59.51 91.26
C LEU E 22 134.86 59.07 91.26
N LEU E 23 134.07 59.63 92.19
CA LEU E 23 132.65 59.32 92.33
C LEU E 23 131.84 59.89 91.17
N ALA E 24 132.23 61.09 90.68
CA ALA E 24 131.58 61.75 89.54
C ALA E 24 131.78 60.91 88.27
N LYS E 25 133.00 60.36 88.07
CA LYS E 25 133.35 59.50 86.93
C LYS E 25 132.54 58.21 86.99
N ARG E 26 132.43 57.58 88.18
CA ARG E 26 131.67 56.35 88.43
C ARG E 26 130.18 56.56 88.11
N LYS E 27 129.60 57.67 88.60
CA LYS E 27 128.21 58.04 88.39
C LYS E 27 127.95 58.26 86.90
N ARG E 28 128.89 58.89 86.19
CA ARG E 28 128.76 59.11 84.76
C ARG E 28 128.70 57.74 84.01
N LEU E 29 129.62 56.82 84.32
CA LEU E 29 129.65 55.50 83.69
C LEU E 29 128.41 54.68 84.01
N GLU E 30 127.90 54.78 85.26
CA GLU E 30 126.70 54.08 85.67
C GLU E 30 125.46 54.57 84.92
N MET E 31 125.37 55.91 84.67
CA MET E 31 124.27 56.52 83.94
C MET E 31 124.30 56.09 82.51
N TYR E 32 125.48 56.10 81.88
CA TYR E 32 125.61 55.67 80.48
C TYR E 32 125.22 54.18 80.32
N THR E 33 125.66 53.30 81.24
CA THR E 33 125.34 51.87 81.24
C THR E 33 123.84 51.66 81.32
N LYS E 34 123.18 52.36 82.25
CA LYS E 34 121.73 52.28 82.45
C LYS E 34 120.98 52.66 81.16
N ALA E 35 121.39 53.77 80.51
CA ALA E 35 120.83 54.27 79.25
C ALA E 35 121.05 53.29 78.09
N SER E 36 122.25 52.69 78.02
CA SER E 36 122.59 51.73 76.97
C SER E 36 121.77 50.46 77.09
N LEU E 37 121.65 49.92 78.31
CA LEU E 37 120.87 48.71 78.58
C LEU E 37 119.42 48.96 78.26
N LYS E 38 118.90 50.15 78.63
CA LYS E 38 117.51 50.55 78.36
C LYS E 38 117.22 50.55 76.86
N THR E 39 118.12 51.13 76.05
CA THR E 39 117.95 51.20 74.60
C THR E 39 118.03 49.82 73.94
N SER E 40 119.07 49.05 74.28
CA SER E 40 119.29 47.70 73.74
C SER E 40 118.13 46.75 74.04
N ASN E 41 117.58 46.84 75.27
CA ASN E 41 116.43 46.05 75.64
C ASN E 41 115.17 46.45 74.90
N GLN E 42 114.96 47.80 74.71
CA GLN E 42 113.81 48.32 73.99
C GLN E 42 113.79 47.84 72.53
N LYS E 43 114.95 47.77 71.88
CA LYS E 43 115.07 47.29 70.50
C LYS E 43 114.61 45.85 70.38
N ILE E 44 114.99 45.00 71.35
CA ILE E 44 114.56 43.60 71.40
C ILE E 44 113.05 43.55 71.63
N GLU E 45 112.51 44.40 72.54
CA GLU E 45 111.08 44.48 72.81
C GLU E 45 110.29 44.84 71.54
N HIS E 46 110.88 45.67 70.68
CA HIS E 46 110.24 46.04 69.44
C HIS E 46 110.14 44.85 68.46
N VAL E 47 111.10 43.91 68.53
CA VAL E 47 111.06 42.69 67.71
C VAL E 47 109.84 41.85 68.13
N TRP E 48 109.62 41.65 69.46
CA TRP E 48 108.43 40.91 69.93
C TRP E 48 107.13 41.57 69.47
N LYS E 49 107.05 42.91 69.55
CA LYS E 49 105.87 43.66 69.14
C LYS E 49 105.61 43.56 67.64
N THR E 50 106.67 43.56 66.83
CA THR E 50 106.60 43.43 65.39
C THR E 50 106.05 42.07 65.02
N GLN E 51 106.61 41.00 65.61
CA GLN E 51 106.19 39.62 65.35
C GLN E 51 104.70 39.44 65.69
N GLN E 52 104.29 39.91 66.86
CA GLN E 52 102.93 39.87 67.35
C GLN E 52 101.99 40.66 66.38
N ASP E 53 102.43 41.87 65.93
CA ASP E 53 101.65 42.67 64.97
C ASP E 53 101.40 41.90 63.69
N GLN E 54 102.47 41.29 63.12
CA GLN E 54 102.40 40.54 61.89
C GLN E 54 101.57 39.27 62.00
N ARG E 55 101.56 38.59 63.16
CA ARG E 55 100.73 37.40 63.31
C ARG E 55 99.26 37.82 63.36
N GLN E 56 98.96 38.89 64.10
CA GLN E 56 97.58 39.41 64.20
C GLN E 56 97.07 39.95 62.86
N LYS E 57 97.93 40.65 62.10
CA LYS E 57 97.59 41.19 60.80
C LYS E 57 97.23 40.04 59.84
N LEU E 58 98.03 38.97 59.85
CA LEU E 58 97.79 37.80 59.01
C LEU E 58 96.43 37.16 59.36
N ASN E 59 96.11 37.02 60.67
CA ASN E 59 94.85 36.47 61.11
C ASN E 59 93.67 37.33 60.68
N GLN E 60 93.83 38.65 60.78
CA GLN E 60 92.78 39.62 60.40
C GLN E 60 92.52 39.59 58.91
N GLU E 61 93.58 39.49 58.09
CA GLU E 61 93.46 39.39 56.63
C GLU E 61 92.71 38.13 56.20
N TYR E 62 93.08 36.94 56.76
CA TYR E 62 92.37 35.71 56.44
C TYR E 62 90.96 35.68 57.00
N SER E 63 90.76 36.20 58.24
CA SER E 63 89.42 36.25 58.79
C SER E 63 88.46 37.08 57.94
N GLN E 64 88.94 38.18 57.32
CA GLN E 64 88.09 39.02 56.48
C GLN E 64 87.68 38.19 55.25
N GLN E 65 88.64 37.48 54.61
CA GLN E 65 88.40 36.61 53.46
C GLN E 65 87.44 35.47 53.82
N PHE E 66 87.58 34.81 54.99
CA PHE E 66 86.67 33.75 55.40
C PHE E 66 85.28 34.28 55.64
N LEU E 67 85.18 35.46 56.27
CA LEU E 67 83.91 36.12 56.55
C LEU E 67 83.16 36.44 55.27
N THR E 68 83.88 36.95 54.24
CA THR E 68 83.30 37.25 52.93
C THR E 68 82.70 35.97 52.33
N LEU E 69 83.47 34.84 52.34
CA LEU E 69 83.02 33.55 51.82
C LEU E 69 81.78 33.02 52.55
N PHE E 70 81.78 33.10 53.89
CA PHE E 70 80.68 32.62 54.70
C PHE E 70 79.42 33.47 54.49
N GLN E 71 79.57 34.80 54.31
CA GLN E 71 78.48 35.75 54.08
C GLN E 71 77.87 35.47 52.73
N GLN E 72 78.70 35.29 51.68
CA GLN E 72 78.27 34.99 50.33
C GLN E 72 77.53 33.65 50.29
N TRP E 73 78.02 32.65 51.05
CA TRP E 73 77.40 31.34 51.13
C TRP E 73 76.00 31.46 51.79
N ASP E 74 75.89 32.21 52.90
CA ASP E 74 74.64 32.43 53.61
C ASP E 74 73.61 33.11 52.71
N LEU E 75 74.02 34.11 51.90
CA LEU E 75 73.14 34.83 50.96
C LEU E 75 72.66 33.91 49.86
N ASP E 76 73.54 33.03 49.35
CA ASP E 76 73.21 32.07 48.31
C ASP E 76 72.20 31.02 48.79
N MET E 77 72.26 30.68 50.09
CA MET E 77 71.32 29.74 50.70
C MET E 77 69.94 30.38 50.90
N GLN E 78 69.92 31.71 51.13
CA GLN E 78 68.70 32.51 51.28
C GLN E 78 67.99 32.61 49.93
N LYS E 79 68.77 32.83 48.82
CA LYS E 79 68.28 32.87 47.45
C LYS E 79 67.70 31.51 47.05
N ALA E 80 68.39 30.40 47.41
CA ALA E 80 67.96 29.02 47.14
C ALA E 80 66.65 28.68 47.85
N GLU E 81 66.43 29.22 49.06
CA GLU E 81 65.22 29.04 49.86
C GLU E 81 64.04 29.79 49.19
N GLU E 82 64.31 31.02 48.68
CA GLU E 82 63.35 31.89 47.99
C GLU E 82 62.83 31.23 46.71
N GLN E 83 63.76 30.63 45.92
CA GLN E 83 63.45 29.96 44.66
C GLN E 83 62.66 28.65 44.87
N GLU E 84 62.86 27.95 46.02
CA GLU E 84 62.12 26.74 46.40
C GLU E 84 60.64 27.10 46.62
N GLU E 85 60.38 28.26 47.28
CA GLU E 85 59.04 28.81 47.57
C GLU E 85 58.30 29.09 46.27
N LYS E 86 59.02 29.67 45.27
CA LYS E 86 58.47 30.00 43.95
C LYS E 86 58.03 28.73 43.21
N ILE E 87 58.86 27.67 43.28
CA ILE E 87 58.60 26.37 42.66
C ILE E 87 57.39 25.68 43.27
N LEU E 88 57.33 25.66 44.63
CA LEU E 88 56.22 25.07 45.38
C LEU E 88 54.89 25.72 44.99
N ASN E 89 54.86 27.07 44.85
CA ASN E 89 53.66 27.81 44.44
C ASN E 89 53.26 27.44 43.00
N MET E 90 54.23 27.46 42.07
CA MET E 90 54.04 27.07 40.66
C MET E 90 53.49 25.65 40.53
N PHE E 91 54.08 24.69 41.27
CA PHE E 91 53.68 23.29 41.26
C PHE E 91 52.27 23.10 41.78
N ARG E 92 51.93 23.78 42.91
CA ARG E 92 50.61 23.74 43.55
C ARG E 92 49.52 24.10 42.54
N GLN E 93 49.73 25.20 41.78
CA GLN E 93 48.84 25.72 40.73
C GLN E 93 48.70 24.71 39.61
N GLN E 94 49.83 24.23 39.05
CA GLN E 94 49.89 23.27 37.95
C GLN E 94 49.35 21.88 38.31
N GLN E 95 49.51 21.45 39.59
CA GLN E 95 49.00 20.16 40.07
C GLN E 95 47.47 20.19 40.12
N LYS E 96 46.87 21.36 40.49
CA LYS E 96 45.41 21.57 40.55
C LYS E 96 44.79 21.50 39.15
N ILE E 97 45.45 22.13 38.16
CA ILE E 97 45.03 22.16 36.75
C ILE E 97 45.08 20.75 36.14
N LEU E 98 46.15 20.00 36.44
CA LEU E 98 46.36 18.61 36.00
C LEU E 98 45.32 17.65 36.57
N GLN E 99 44.97 17.83 37.86
CA GLN E 99 43.99 17.02 38.57
C GLN E 99 42.59 17.27 38.05
N GLN E 100 42.26 18.54 37.76
CA GLN E 100 40.98 18.97 37.22
C GLN E 100 40.74 18.42 35.80
N SER E 101 41.78 18.46 34.94
CA SER E 101 41.78 17.96 33.55
C SER E 101 41.54 16.44 33.46
N ARG E 102 41.88 15.68 34.55
CA ARG E 102 41.66 14.25 34.71
C ARG E 102 40.20 14.02 35.16
N ILE E 103 39.72 14.86 36.09
CA ILE E 103 38.36 14.83 36.65
C ILE E 103 37.32 15.07 35.55
N VAL E 104 37.61 16.03 34.64
CA VAL E 104 36.75 16.40 33.51
C VAL E 104 36.62 15.20 32.53
N GLN E 105 37.75 14.52 32.26
CA GLN E 105 37.81 13.33 31.40
C GLN E 105 36.98 12.17 31.96
N SER E 106 37.05 11.95 33.28
CA SER E 106 36.28 10.91 33.95
C SER E 106 34.76 11.21 33.89
N GLN E 107 34.41 12.51 33.95
CA GLN E 107 33.03 12.99 33.86
C GLN E 107 32.52 12.75 32.42
N ARG E 108 33.39 13.06 31.42
CA ARG E 108 33.17 12.88 29.99
C ARG E 108 32.87 11.41 29.67
N LEU E 109 33.64 10.48 30.26
CA LEU E 109 33.41 9.04 30.10
C LEU E 109 32.02 8.64 30.66
N LYS E 110 31.67 9.17 31.85
CA LYS E 110 30.39 8.93 32.49
C LYS E 110 29.23 9.48 31.59
N THR E 111 29.41 10.70 31.02
CA THR E 111 28.47 11.37 30.13
C THR E 111 28.21 10.56 28.87
N ILE E 112 29.27 10.07 28.22
CA ILE E 112 29.17 9.25 27.01
C ILE E 112 28.50 7.91 27.28
N LYS E 113 28.84 7.26 28.39
CA LYS E 113 28.25 5.99 28.80
C LYS E 113 26.73 6.17 29.05
N GLN E 114 26.35 7.26 29.73
CA GLN E 114 24.97 7.58 30.02
C GLN E 114 24.20 7.94 28.75
N LEU E 115 24.82 8.69 27.82
CA LEU E 115 24.19 9.09 26.57
C LEU E 115 23.95 7.85 25.70
N TYR E 116 24.90 6.92 25.68
CA TYR E 116 24.76 5.67 24.96
C TYR E 116 23.59 4.83 25.49
N GLU E 117 23.46 4.72 26.83
CA GLU E 117 22.36 3.97 27.46
C GLU E 117 21.00 4.60 27.17
N GLN E 118 20.97 5.95 27.15
CA GLN E 118 19.80 6.74 26.82
C GLN E 118 19.36 6.49 25.35
N PHE E 119 20.33 6.45 24.42
CA PHE E 119 20.14 6.18 23.00
C PHE E 119 19.51 4.82 22.78
N ILE E 120 20.07 3.78 23.39
CA ILE E 120 19.56 2.41 23.33
C ILE E 120 18.16 2.33 23.92
N LYS E 121 17.91 3.00 25.07
CA LYS E 121 16.58 3.03 25.68
C LYS E 121 15.56 3.74 24.78
N SER E 122 15.93 4.87 24.15
CA SER E 122 15.04 5.60 23.24
C SER E 122 14.64 4.75 22.04
N MET E 123 15.60 3.97 21.48
CA MET E 123 15.34 3.07 20.37
C MET E 123 14.35 1.97 20.78
N GLU E 124 14.45 1.46 22.03
CA GLU E 124 13.57 0.41 22.57
C GLU E 124 12.14 0.93 22.76
N GLU E 125 12.00 2.16 23.27
CA GLU E 125 10.70 2.82 23.48
C GLU E 125 10.03 3.04 22.13
N LEU E 126 10.81 3.48 21.13
CA LEU E 126 10.32 3.73 19.76
C LEU E 126 9.86 2.43 19.11
N GLU E 127 10.60 1.32 19.30
CA GLU E 127 10.24 0.00 18.80
C GLU E 127 8.88 -0.43 19.33
N LYS E 128 8.60 -0.22 20.64
CA LYS E 128 7.32 -0.58 21.27
C LYS E 128 6.17 0.19 20.68
N ASN E 129 6.34 1.52 20.50
CA ASN E 129 5.35 2.37 19.88
C ASN E 129 5.06 1.91 18.45
N HIS E 130 6.12 1.63 17.70
CA HIS E 130 6.04 1.22 16.32
C HIS E 130 5.37 -0.13 16.14
N ASP E 131 5.62 -1.06 17.08
CA ASP E 131 5.04 -2.38 17.07
C ASP E 131 3.52 -2.29 17.13
N ASN E 132 2.99 -1.48 18.06
N ASN E 132 2.99 -1.49 18.05
CA ASN E 132 1.58 -1.24 18.25
CA ASN E 132 1.55 -1.33 18.19
C ASN E 132 0.93 -0.65 17.01
C ASN E 132 0.90 -0.62 17.00
N LEU E 133 1.60 0.37 16.39
CA LEU E 133 1.10 1.07 15.19
C LEU E 133 1.09 0.19 13.94
N LEU E 134 2.10 -0.66 13.82
CA LEU E 134 2.24 -1.58 12.71
C LEU E 134 1.18 -2.65 12.78
N THR E 135 0.87 -3.17 13.98
CA THR E 135 -0.18 -4.17 14.19
C THR E 135 -1.54 -3.64 13.72
N GLY E 136 -1.84 -2.40 14.09
CA GLY E 136 -3.06 -1.73 13.67
C GLY E 136 -3.14 -1.61 12.16
N ALA E 137 -2.05 -1.14 11.53
CA ALA E 137 -1.98 -0.98 10.08
C ALA E 137 -2.09 -2.34 9.34
N GLN E 138 -1.44 -3.38 9.87
CA GLN E 138 -1.47 -4.73 9.32
C GLN E 138 -2.88 -5.33 9.39
N ASN E 139 -3.61 -5.08 10.49
CA ASN E 139 -5.00 -5.53 10.65
C ASN E 139 -5.91 -4.85 9.64
N GLU E 140 -5.70 -3.54 9.38
CA GLU E 140 -6.48 -2.83 8.36
C GLU E 140 -6.23 -3.40 6.96
N PHE E 141 -4.95 -3.68 6.66
CA PHE E 141 -4.52 -4.25 5.40
C PHE E 141 -5.19 -5.63 5.19
N LYS E 142 -5.22 -6.47 6.25
CA LYS E 142 -5.86 -7.79 6.21
C LYS E 142 -7.33 -7.67 5.90
N LYS E 143 -8.03 -6.68 6.51
CA LYS E 143 -9.47 -6.45 6.28
C LYS E 143 -9.70 -6.04 4.83
N GLU E 144 -8.83 -5.21 4.27
CA GLU E 144 -8.94 -4.73 2.90
C GLU E 144 -8.76 -5.88 1.90
N MET E 145 -7.81 -6.77 2.16
CA MET E 145 -7.55 -7.92 1.29
C MET E 145 -8.65 -8.95 1.34
N ALA E 146 -9.24 -9.13 2.54
CA ALA E 146 -10.37 -10.04 2.75
C ALA E 146 -11.60 -9.49 1.98
N MET E 147 -11.83 -8.14 2.08
CA MET E 147 -12.90 -7.46 1.36
C MET E 147 -12.72 -7.59 -0.14
N LEU E 148 -11.49 -7.43 -0.63
CA LEU E 148 -11.22 -7.55 -2.06
C LEU E 148 -11.56 -8.95 -2.56
N GLN E 149 -11.12 -10.00 -1.83
CA GLN E 149 -11.42 -11.37 -2.27
C GLN E 149 -12.92 -11.72 -2.21
N LYS E 150 -13.61 -11.21 -1.18
CA LYS E 150 -15.05 -11.38 -1.02
C LYS E 150 -15.76 -10.72 -2.23
N LYS E 151 -15.31 -9.52 -2.66
CA LYS E 151 -15.88 -8.84 -3.84
C LYS E 151 -15.72 -9.68 -5.09
N ILE E 152 -14.51 -10.22 -5.32
CA ILE E 152 -14.26 -11.05 -6.50
C ILE E 152 -15.17 -12.30 -6.50
N MET E 153 -15.28 -12.94 -5.36
CA MET E 153 -16.08 -14.14 -5.20
C MET E 153 -17.57 -13.89 -5.48
N MET E 154 -18.16 -12.88 -4.84
CA MET E 154 -19.56 -12.51 -4.98
C MET E 154 -19.91 -12.03 -6.38
N GLU E 155 -19.01 -11.29 -7.04
CA GLU E 155 -19.27 -10.78 -8.38
C GLU E 155 -19.08 -11.83 -9.48
N THR E 156 -18.31 -12.90 -9.23
CA THR E 156 -18.12 -13.95 -10.23
C THR E 156 -19.05 -15.16 -10.04
N GLN E 157 -19.35 -15.52 -8.76
CA GLN E 157 -20.10 -16.73 -8.39
C GLN E 157 -21.47 -16.90 -9.01
N GLN E 158 -21.76 -18.15 -9.48
CA GLN E 158 -23.04 -18.53 -10.07
C GLN E 158 -24.12 -18.41 -9.01
N GLN E 159 -25.22 -17.74 -9.36
CA GLN E 159 -26.34 -17.53 -8.44
C GLN E 159 -27.15 -18.83 -8.25
N GLU E 160 -27.80 -18.95 -7.09
CA GLU E 160 -28.66 -20.09 -6.75
C GLU E 160 -29.91 -20.12 -7.64
N ILE E 161 -30.33 -21.33 -8.07
CA ILE E 161 -31.51 -21.53 -8.91
C ILE E 161 -32.65 -22.15 -8.09
N ILE F 18 -28.41 -30.15 -7.53
CA ILE F 18 -27.83 -29.10 -8.38
C ILE F 18 -27.36 -27.91 -7.50
N ASN F 19 -28.27 -27.38 -6.65
CA ASN F 19 -27.96 -26.27 -5.76
C ASN F 19 -27.07 -26.73 -4.61
N LYS F 20 -27.16 -28.01 -4.21
CA LYS F 20 -26.32 -28.66 -3.20
C LYS F 20 -24.86 -28.69 -3.71
N ALA F 21 -24.68 -29.01 -5.02
CA ALA F 21 -23.39 -29.04 -5.72
C ALA F 21 -22.80 -27.63 -5.84
N LEU F 22 -23.65 -26.64 -6.15
CA LEU F 22 -23.27 -25.24 -6.30
C LEU F 22 -22.75 -24.69 -4.98
N LEU F 23 -23.40 -25.06 -3.89
CA LEU F 23 -23.00 -24.59 -2.59
C LEU F 23 -21.74 -25.27 -2.09
N ALA F 24 -21.55 -26.56 -2.43
CA ALA F 24 -20.34 -27.32 -2.09
C ALA F 24 -19.11 -26.71 -2.80
N LYS F 25 -19.30 -26.26 -4.06
CA LYS F 25 -18.26 -25.63 -4.86
C LYS F 25 -17.90 -24.29 -4.24
N ARG F 26 -18.90 -23.50 -3.82
CA ARG F 26 -18.74 -22.20 -3.20
C ARG F 26 -17.96 -22.33 -1.87
N LYS F 27 -18.34 -23.31 -1.04
CA LYS F 27 -17.70 -23.58 0.25
C LYS F 27 -16.23 -23.99 0.03
N ARG F 28 -15.95 -24.79 -0.99
CA ARG F 28 -14.59 -25.18 -1.33
C ARG F 28 -13.75 -23.95 -1.71
N LEU F 29 -14.27 -23.08 -2.59
CA LEU F 29 -13.58 -21.86 -3.01
C LEU F 29 -13.36 -20.89 -1.86
N GLU F 30 -14.35 -20.77 -0.97
CA GLU F 30 -14.24 -19.92 0.22
C GLU F 30 -13.16 -20.41 1.17
N MET F 31 -13.01 -21.74 1.34
N MET F 31 -13.02 -21.74 1.35
CA MET F 31 -12.01 -22.34 2.22
CA MET F 31 -12.03 -22.36 2.22
C MET F 31 -10.62 -22.09 1.65
C MET F 31 -10.63 -22.10 1.66
N TYR F 32 -10.44 -22.28 0.32
CA TYR F 32 -9.16 -22.04 -0.37
C TYR F 32 -8.75 -20.55 -0.26
N THR F 33 -9.70 -19.62 -0.45
CA THR F 33 -9.45 -18.19 -0.34
C THR F 33 -8.96 -17.83 1.06
N LYS F 34 -9.65 -18.34 2.08
CA LYS F 34 -9.31 -18.14 3.47
C LYS F 34 -7.87 -18.62 3.75
N ALA F 35 -7.52 -19.82 3.27
CA ALA F 35 -6.21 -20.42 3.44
C ALA F 35 -5.11 -19.63 2.71
N SER F 36 -5.42 -19.13 1.52
CA SER F 36 -4.47 -18.35 0.73
C SER F 36 -4.20 -17.00 1.38
N LEU F 37 -5.23 -16.31 1.83
CA LEU F 37 -5.06 -15.02 2.52
C LEU F 37 -4.26 -15.20 3.80
N LYS F 38 -4.55 -16.29 4.56
CA LYS F 38 -3.81 -16.60 5.79
C LYS F 38 -2.29 -16.78 5.51
N THR F 39 -1.96 -17.53 4.47
CA THR F 39 -0.57 -17.78 4.11
C THR F 39 0.16 -16.52 3.60
N SER F 40 -0.44 -15.80 2.67
CA SER F 40 0.08 -14.55 2.09
C SER F 40 0.31 -13.46 3.15
N ASN F 41 -0.61 -13.36 4.13
CA ASN F 41 -0.47 -12.43 5.23
C ASN F 41 0.63 -12.82 6.17
N GLN F 42 0.76 -14.16 6.45
CA GLN F 42 1.80 -14.65 7.34
C GLN F 42 3.19 -14.34 6.78
N LYS F 43 3.38 -14.44 5.45
CA LYS F 43 4.65 -14.16 4.80
C LYS F 43 5.05 -12.70 4.99
N ILE F 44 4.09 -11.77 4.92
CA ILE F 44 4.34 -10.36 5.15
C ILE F 44 4.67 -10.14 6.62
N GLU F 45 3.92 -10.82 7.53
CA GLU F 45 4.20 -10.73 8.97
C GLU F 45 5.66 -11.18 9.28
N HIS F 46 6.16 -12.17 8.53
CA HIS F 46 7.52 -12.63 8.73
C HIS F 46 8.57 -11.58 8.30
N VAL F 47 8.23 -10.71 7.35
CA VAL F 47 9.13 -9.63 6.93
C VAL F 47 9.25 -8.63 8.09
N TRP F 48 8.13 -8.27 8.74
CA TRP F 48 8.18 -7.37 9.91
C TRP F 48 9.04 -7.96 11.03
N LYS F 49 8.88 -9.25 11.31
CA LYS F 49 9.64 -9.93 12.36
C LYS F 49 11.13 -10.03 12.05
N THR F 50 11.46 -10.22 10.78
CA THR F 50 12.85 -10.29 10.31
C THR F 50 13.52 -8.95 10.50
N GLN F 51 12.86 -7.86 10.06
CA GLN F 51 13.38 -6.50 10.16
C GLN F 51 13.65 -6.15 11.62
N GLN F 52 12.69 -6.43 12.49
CA GLN F 52 12.76 -6.19 13.93
C GLN F 52 13.92 -7.00 14.53
N ASP F 53 14.07 -8.30 14.13
CA ASP F 53 15.15 -9.16 14.61
C ASP F 53 16.51 -8.54 14.27
N GLN F 54 16.70 -8.13 13.00
CA GLN F 54 17.94 -7.55 12.50
C GLN F 54 18.26 -6.21 13.14
N ARG F 55 17.25 -5.37 13.46
CA ARG F 55 17.52 -4.10 14.13
C ARG F 55 18.00 -4.39 15.56
N GLN F 56 17.32 -5.28 16.27
CA GLN F 56 17.70 -5.63 17.64
C GLN F 56 19.06 -6.33 17.70
N LYS F 57 19.36 -7.21 16.74
CA LYS F 57 20.66 -7.90 16.68
C LYS F 57 21.77 -6.87 16.53
N LEU F 58 21.60 -5.89 15.63
CA LEU F 58 22.58 -4.84 15.37
C LEU F 58 22.80 -4.02 16.65
N ASN F 59 21.73 -3.67 17.37
CA ASN F 59 21.86 -2.92 18.61
C ASN F 59 22.62 -3.71 19.68
N GLN F 60 22.31 -5.01 19.80
CA GLN F 60 22.93 -5.89 20.78
C GLN F 60 24.41 -6.08 20.50
N GLU F 61 24.79 -6.22 19.23
CA GLU F 61 26.18 -6.39 18.78
C GLU F 61 26.99 -5.14 19.12
N TYR F 62 26.48 -3.93 18.78
CA TYR F 62 27.20 -2.70 19.08
C TYR F 62 27.21 -2.40 20.56
N SER F 63 26.12 -2.69 21.29
CA SER F 63 26.11 -2.48 22.75
C SER F 63 27.20 -3.30 23.45
N GLN F 64 27.43 -4.54 22.99
CA GLN F 64 28.43 -5.40 23.59
C GLN F 64 29.82 -4.77 23.37
N GLN F 65 30.10 -4.32 22.12
CA GLN F 65 31.34 -3.64 21.76
C GLN F 65 31.53 -2.35 22.56
N PHE F 66 30.49 -1.51 22.72
CA PHE F 66 30.61 -0.29 23.49
C PHE F 66 30.87 -0.58 24.95
N LEU F 67 30.21 -1.61 25.52
CA LEU F 67 30.40 -2.03 26.92
C LEU F 67 31.85 -2.44 27.17
N THR F 68 32.43 -3.23 26.25
CA THR F 68 33.83 -3.66 26.33
C THR F 68 34.76 -2.43 26.36
N LEU F 69 34.54 -1.45 25.45
CA LEU F 69 35.30 -0.22 25.37
C LEU F 69 35.19 0.61 26.62
N PHE F 70 33.99 0.77 27.16
CA PHE F 70 33.76 1.56 28.38
C PHE F 70 34.43 0.92 29.60
N GLN F 71 34.40 -0.43 29.71
CA GLN F 71 35.02 -1.18 30.80
C GLN F 71 36.53 -1.01 30.76
N GLN F 72 37.13 -1.20 29.56
CA GLN F 72 38.56 -1.05 29.31
C GLN F 72 39.01 0.38 29.59
N TRP F 73 38.18 1.36 29.19
CA TRP F 73 38.45 2.78 29.40
C TRP F 73 38.46 3.11 30.86
N ASP F 74 37.49 2.60 31.64
CA ASP F 74 37.40 2.80 33.08
C ASP F 74 38.65 2.28 33.81
N LEU F 75 39.14 1.08 33.41
CA LEU F 75 40.35 0.47 33.98
C LEU F 75 41.59 1.30 33.65
N ASP F 76 41.66 1.80 32.41
CA ASP F 76 42.77 2.63 31.94
C ASP F 76 42.82 4.00 32.63
N MET F 77 41.64 4.53 33.04
CA MET F 77 41.55 5.80 33.75
C MET F 77 41.99 5.64 35.20
N GLN F 78 41.77 4.42 35.75
CA GLN F 78 42.15 4.00 37.10
C GLN F 78 43.69 3.93 37.16
N LYS F 79 44.33 3.37 36.10
CA LYS F 79 45.78 3.25 35.95
C LYS F 79 46.42 4.62 35.73
N ALA F 80 45.80 5.49 34.90
CA ALA F 80 46.27 6.85 34.58
C ALA F 80 46.29 7.76 35.82
N GLU F 81 45.31 7.57 36.73
CA GLU F 81 45.19 8.32 37.99
C GLU F 81 46.33 7.89 38.94
N GLU F 82 46.62 6.56 38.99
CA GLU F 82 47.67 5.95 39.80
C GLU F 82 49.05 6.46 39.39
N GLN F 83 49.31 6.52 38.07
CA GLN F 83 50.59 6.97 37.49
C GLN F 83 50.81 8.47 37.63
N GLU F 84 49.71 9.26 37.56
CA GLU F 84 49.72 10.72 37.73
C GLU F 84 50.14 11.05 39.19
N GLU F 85 49.64 10.27 40.17
CA GLU F 85 49.94 10.39 41.59
C GLU F 85 51.43 10.09 41.86
N LYS F 86 52.02 9.10 41.15
CA LYS F 86 53.43 8.70 41.26
C LYS F 86 54.37 9.80 40.80
N ILE F 87 54.09 10.42 39.63
CA ILE F 87 54.90 11.50 39.05
C ILE F 87 54.82 12.82 39.84
N LEU F 88 53.66 13.10 40.47
CA LEU F 88 53.53 14.30 41.30
C LEU F 88 54.31 14.07 42.62
N ASN F 89 54.20 12.85 43.21
CA ASN F 89 54.92 12.40 44.41
C ASN F 89 56.43 12.47 44.16
N MET F 90 56.87 12.00 42.96
CA MET F 90 58.26 12.05 42.51
C MET F 90 58.78 13.48 42.54
N PHE F 91 57.97 14.47 42.08
CA PHE F 91 58.33 15.89 42.09
C PHE F 91 58.44 16.40 43.55
N ARG F 92 57.47 16.03 44.41
CA ARG F 92 57.42 16.39 45.82
C ARG F 92 58.59 15.77 46.62
N GLN F 93 59.01 14.54 46.24
CA GLN F 93 60.15 13.82 46.82
C GLN F 93 61.45 14.50 46.37
N GLN F 94 61.49 14.97 45.09
CA GLN F 94 62.65 15.67 44.52
C GLN F 94 62.83 17.00 45.25
N GLN F 95 61.70 17.69 45.55
CA GLN F 95 61.69 18.95 46.30
C GLN F 95 62.23 18.73 47.73
N LYS F 96 61.89 17.57 48.36
CA LYS F 96 62.35 17.18 49.70
C LYS F 96 63.88 17.08 49.70
N ILE F 97 64.47 16.50 48.62
CA ILE F 97 65.90 16.28 48.46
C ILE F 97 66.59 17.62 48.27
N LEU F 98 66.00 18.50 47.43
CA LEU F 98 66.53 19.84 47.19
C LEU F 98 66.52 20.68 48.48
N GLN F 99 65.43 20.60 49.25
CA GLN F 99 65.24 21.31 50.51
C GLN F 99 66.19 20.80 51.60
N GLN F 100 66.37 19.45 51.70
CA GLN F 100 67.26 18.81 52.66
C GLN F 100 68.72 19.16 52.42
N SER F 101 69.14 19.16 51.13
CA SER F 101 70.50 19.49 50.73
C SER F 101 70.82 20.95 51.12
N ARG F 102 69.81 21.86 51.05
CA ARG F 102 69.94 23.27 51.44
C ARG F 102 70.11 23.35 52.97
N ILE F 103 69.33 22.56 53.72
CA ILE F 103 69.36 22.51 55.19
C ILE F 103 70.73 21.98 55.69
N VAL F 104 71.24 20.93 55.03
CA VAL F 104 72.52 20.30 55.34
C VAL F 104 73.69 21.27 55.03
N GLN F 105 73.60 22.02 53.90
CA GLN F 105 74.58 23.04 53.51
C GLN F 105 74.66 24.12 54.57
N SER F 106 73.49 24.59 55.08
CA SER F 106 73.43 25.63 56.10
C SER F 106 74.05 25.16 57.40
N GLN F 107 73.89 23.85 57.73
CA GLN F 107 74.47 23.24 58.92
C GLN F 107 76.01 23.16 58.77
N ARG F 108 76.47 22.73 57.60
CA ARG F 108 77.86 22.60 57.20
C ARG F 108 78.56 23.95 57.32
N LEU F 109 77.93 25.04 56.80
CA LEU F 109 78.43 26.39 56.85
C LEU F 109 78.58 26.81 58.30
N LYS F 110 77.57 26.52 59.15
CA LYS F 110 77.58 26.82 60.58
C LYS F 110 78.75 26.08 61.28
N THR F 111 78.95 24.79 60.97
CA THR F 111 80.00 23.94 61.55
C THR F 111 81.42 24.46 61.21
N ILE F 112 81.66 24.79 59.93
CA ILE F 112 82.93 25.31 59.45
C ILE F 112 83.19 26.71 60.02
N LYS F 113 82.16 27.57 60.06
CA LYS F 113 82.24 28.92 60.60
C LYS F 113 82.60 28.86 62.07
N GLN F 114 81.98 27.93 62.83
CA GLN F 114 82.23 27.75 64.26
C GLN F 114 83.63 27.20 64.52
N LEU F 115 84.10 26.27 63.67
CA LEU F 115 85.42 25.70 63.83
C LEU F 115 86.49 26.78 63.54
N TYR F 116 86.24 27.63 62.54
CA TYR F 116 87.14 28.73 62.20
C TYR F 116 87.22 29.74 63.36
N GLU F 117 86.08 30.09 63.97
CA GLU F 117 86.04 31.02 65.11
C GLU F 117 86.71 30.43 66.33
N GLN F 118 86.61 29.13 66.53
CA GLN F 118 87.26 28.37 67.61
C GLN F 118 88.78 28.43 67.42
N PHE F 119 89.27 28.23 66.18
CA PHE F 119 90.67 28.27 65.79
C PHE F 119 91.26 29.68 66.11
N ILE F 120 90.57 30.75 65.67
CA ILE F 120 90.97 32.13 65.91
C ILE F 120 91.00 32.41 67.42
N LYS F 121 89.98 31.95 68.17
CA LYS F 121 89.92 32.14 69.61
C LYS F 121 91.05 31.39 70.31
N SER F 122 91.37 30.14 69.89
CA SER F 122 92.47 29.35 70.47
C SER F 122 93.83 30.04 70.27
N MET F 123 94.04 30.65 69.09
CA MET F 123 95.25 31.40 68.79
C MET F 123 95.38 32.63 69.69
N GLU F 124 94.24 33.31 70.00
CA GLU F 124 94.20 34.50 70.87
C GLU F 124 94.49 34.13 72.32
N GLU F 125 93.97 33.00 72.81
CA GLU F 125 94.20 32.48 74.15
C GLU F 125 95.68 32.13 74.30
N LEU F 126 96.28 31.50 73.27
CA LEU F 126 97.69 31.11 73.25
C LEU F 126 98.58 32.35 73.30
N GLU F 127 98.21 33.41 72.54
CA GLU F 127 98.93 34.68 72.53
C GLU F 127 98.99 35.28 73.93
N LYS F 128 97.89 35.25 74.70
CA LYS F 128 97.82 35.80 76.05
C LYS F 128 98.73 35.04 77.00
N ASN F 129 98.75 33.71 76.91
CA ASN F 129 99.61 32.86 77.72
C ASN F 129 101.07 33.14 77.40
N HIS F 130 101.39 33.25 76.11
CA HIS F 130 102.73 33.50 75.61
C HIS F 130 103.22 34.87 76.01
N ASP F 131 102.33 35.89 75.99
CA ASP F 131 102.66 37.24 76.37
C ASP F 131 103.18 37.27 77.81
N ASN F 132 102.49 36.56 78.74
CA ASN F 132 102.93 36.52 80.13
C ASN F 132 104.26 35.77 80.31
N LEU F 133 104.44 34.68 79.56
CA LEU F 133 105.63 33.89 79.68
C LEU F 133 106.84 34.63 79.14
N LEU F 134 106.64 35.36 78.05
CA LEU F 134 107.67 36.16 77.40
C LEU F 134 108.06 37.32 78.29
N THR F 135 107.10 38.01 78.94
CA THR F 135 107.39 39.11 79.86
C THR F 135 108.28 38.63 81.03
N GLY F 136 107.96 37.46 81.58
CA GLY F 136 108.77 36.88 82.64
C GLY F 136 110.18 36.57 82.18
N ALA F 137 110.29 35.96 80.99
CA ALA F 137 111.60 35.60 80.43
C ALA F 137 112.42 36.86 80.08
N GLN F 138 111.77 37.90 79.56
CA GLN F 138 112.39 39.17 79.21
C GLN F 138 112.91 39.88 80.45
N ASN F 139 112.15 39.83 81.56
CA ASN F 139 112.57 40.41 82.83
C ASN F 139 113.80 39.69 83.40
N GLU F 140 113.86 38.35 83.27
CA GLU F 140 115.03 37.58 83.72
C GLU F 140 116.26 37.95 82.88
N PHE F 141 116.07 38.08 81.57
CA PHE F 141 117.11 38.45 80.63
C PHE F 141 117.68 39.83 81.00
N LYS F 142 116.79 40.80 81.29
CA LYS F 142 117.17 42.15 81.69
C LYS F 142 118.01 42.16 82.96
N LYS F 143 117.62 41.32 83.96
CA LYS F 143 118.36 41.19 85.20
C LYS F 143 119.75 40.61 84.94
N GLU F 144 119.88 39.65 84.04
CA GLU F 144 121.16 38.99 83.72
C GLU F 144 122.10 39.96 83.03
N MET F 145 121.58 40.79 82.13
CA MET F 145 122.36 41.80 81.41
C MET F 145 122.83 42.90 82.31
N ALA F 146 121.98 43.31 83.24
CA ALA F 146 122.29 44.34 84.26
C ALA F 146 123.39 43.80 85.17
N MET F 147 123.27 42.53 85.63
CA MET F 147 124.26 41.86 86.46
C MET F 147 125.60 41.76 85.75
N LEU F 148 125.60 41.42 84.46
CA LEU F 148 126.81 41.35 83.67
C LEU F 148 127.53 42.71 83.61
N GLN F 149 126.78 43.77 83.31
CA GLN F 149 127.42 45.10 83.23
C GLN F 149 127.93 45.60 84.58
N LYS F 150 127.20 45.28 85.67
CA LYS F 150 127.58 45.64 87.04
C LYS F 150 128.88 44.92 87.38
N LYS F 151 129.02 43.63 86.99
CA LYS F 151 130.25 42.84 87.21
C LYS F 151 131.43 43.50 86.50
N ILE F 152 131.27 43.87 85.22
CA ILE F 152 132.35 44.51 84.47
C ILE F 152 132.80 45.80 85.15
N MET F 153 131.83 46.62 85.55
CA MET F 153 132.08 47.90 86.18
C MET F 153 132.86 47.75 87.50
N MET F 154 132.36 46.91 88.41
CA MET F 154 132.97 46.68 89.71
C MET F 154 134.36 46.07 89.65
N GLU F 155 134.59 45.15 88.70
CA GLU F 155 135.88 44.49 88.53
C GLU F 155 136.91 45.34 87.83
N THR F 156 136.51 46.36 87.07
CA THR F 156 137.47 47.24 86.38
C THR F 156 137.73 48.56 87.12
N GLN F 157 136.71 49.08 87.79
CA GLN F 157 136.78 50.42 88.39
C GLN F 157 137.84 50.66 89.45
N GLN F 158 138.31 51.93 89.52
CA GLN F 158 139.28 52.35 90.53
C GLN F 158 138.57 52.43 91.87
N GLN F 159 139.25 51.92 92.91
CA GLN F 159 138.74 51.91 94.28
C GLN F 159 138.92 53.30 94.92
N GLU F 160 138.10 53.60 95.95
CA GLU F 160 138.19 54.84 96.72
C GLU F 160 139.43 54.82 97.62
N ILE F 161 140.17 55.96 97.68
CA ILE F 161 141.40 56.12 98.49
C ILE F 161 141.12 57.08 99.64
N VAL G 7 165.81 54.00 91.31
CA VAL G 7 164.56 54.09 92.07
C VAL G 7 163.36 54.27 91.13
N GLN G 8 163.56 55.05 90.03
CA GLN G 8 162.56 55.32 89.00
C GLN G 8 162.33 54.07 88.12
N ASN G 9 163.40 53.26 87.92
CA ASN G 9 163.40 52.00 87.16
C ASN G 9 162.45 51.00 87.82
N MET G 10 162.39 51.06 89.14
CA MET G 10 161.56 50.22 89.99
C MET G 10 160.09 50.47 89.82
N LEU G 11 159.70 51.75 89.77
CA LEU G 11 158.33 52.20 89.54
C LEU G 11 157.87 51.84 88.11
N GLU G 12 158.82 51.88 87.14
CA GLU G 12 158.65 51.54 85.73
C GLU G 12 158.43 50.01 85.55
N GLY G 13 159.23 49.20 86.28
CA GLY G 13 159.15 47.74 86.30
C GLY G 13 157.86 47.24 86.94
N VAL G 14 157.35 48.05 87.89
CA VAL G 14 156.08 47.86 88.57
C VAL G 14 154.96 48.06 87.53
N GLY G 15 155.10 49.08 86.69
CA GLY G 15 154.20 49.44 85.59
C GLY G 15 153.99 48.35 84.54
N VAL G 16 155.02 47.52 84.29
CA VAL G 16 154.92 46.40 83.33
C VAL G 16 154.01 45.34 83.94
N ASP G 17 154.24 45.01 85.22
CA ASP G 17 153.46 44.00 85.95
C ASP G 17 152.00 44.41 86.07
N ILE G 18 151.77 45.74 86.12
CA ILE G 18 150.47 46.39 86.13
C ILE G 18 149.78 46.18 84.78
N ASN G 19 150.47 46.42 83.67
CA ASN G 19 149.90 46.26 82.33
C ASN G 19 149.63 44.80 81.97
N LYS G 20 150.49 43.89 82.43
CA LYS G 20 150.25 42.46 82.27
C LYS G 20 148.93 42.06 82.99
N ALA G 21 148.78 42.52 84.26
CA ALA G 21 147.61 42.26 85.10
C ALA G 21 146.36 42.80 84.45
N LEU G 22 146.44 43.99 83.86
CA LEU G 22 145.36 44.68 83.16
C LEU G 22 144.88 43.89 81.95
N LEU G 23 145.81 43.39 81.14
CA LEU G 23 145.54 42.58 79.96
C LEU G 23 144.84 41.25 80.37
N ALA G 24 145.32 40.61 81.45
CA ALA G 24 144.80 39.35 81.96
C ALA G 24 143.34 39.52 82.46
N LYS G 25 143.08 40.60 83.17
CA LYS G 25 141.78 40.95 83.71
C LYS G 25 140.79 41.19 82.59
N ARG G 26 141.21 41.95 81.53
CA ARG G 26 140.37 42.27 80.38
C ARG G 26 139.97 41.02 79.61
N LYS G 27 140.96 40.11 79.38
CA LYS G 27 140.74 38.84 78.69
C LYS G 27 139.74 37.95 79.49
N ARG G 28 139.87 37.94 80.81
CA ARG G 28 138.98 37.16 81.64
C ARG G 28 137.53 37.72 81.53
N LEU G 29 137.36 39.04 81.65
CA LEU G 29 136.06 39.68 81.53
C LEU G 29 135.44 39.50 80.18
N GLU G 30 136.25 39.53 79.11
CA GLU G 30 135.78 39.32 77.74
C GLU G 30 135.25 37.92 77.53
N MET G 31 135.93 36.90 78.11
CA MET G 31 135.52 35.50 78.01
C MET G 31 134.21 35.29 78.74
N TYR G 32 134.09 35.83 79.97
CA TYR G 32 132.87 35.71 80.74
C TYR G 32 131.68 36.39 80.04
N THR G 33 131.89 37.60 79.51
CA THR G 33 130.86 38.37 78.78
C THR G 33 130.34 37.57 77.59
N LYS G 34 131.25 37.03 76.79
CA LYS G 34 130.90 36.23 75.62
C LYS G 34 129.98 35.05 76.03
N ALA G 35 130.39 34.30 77.07
CA ALA G 35 129.66 33.15 77.60
C ALA G 35 128.29 33.55 78.15
N SER G 36 128.22 34.66 78.88
CA SER G 36 126.98 35.16 79.47
C SER G 36 126.00 35.62 78.44
N LEU G 37 126.44 36.38 77.42
CA LEU G 37 125.57 36.81 76.33
C LEU G 37 125.04 35.61 75.57
N LYS G 38 125.91 34.62 75.33
CA LYS G 38 125.51 33.40 74.61
C LYS G 38 124.43 32.64 75.37
N THR G 39 124.57 32.50 76.71
CA THR G 39 123.64 31.76 77.55
C THR G 39 122.30 32.51 77.68
N SER G 40 122.35 33.79 77.99
CA SER G 40 121.17 34.66 78.13
C SER G 40 120.34 34.74 76.86
N ASN G 41 121.01 34.81 75.69
CA ASN G 41 120.34 34.80 74.40
C ASN G 41 119.74 33.45 74.10
N GLN G 42 120.45 32.35 74.46
CA GLN G 42 119.95 31.01 74.21
C GLN G 42 118.67 30.74 74.99
N LYS G 43 118.59 31.20 76.24
CA LYS G 43 117.39 31.04 77.07
C LYS G 43 116.20 31.73 76.45
N ILE G 44 116.38 32.94 75.89
CA ILE G 44 115.33 33.71 75.21
C ILE G 44 114.95 32.95 73.93
N GLU G 45 115.95 32.41 73.21
CA GLU G 45 115.72 31.68 71.98
C GLU G 45 114.85 30.45 72.29
N HIS G 46 115.07 29.80 73.44
CA HIS G 46 114.27 28.65 73.80
C HIS G 46 112.81 29.01 74.10
N VAL G 47 112.54 30.18 74.66
CA VAL G 47 111.17 30.67 74.92
C VAL G 47 110.47 30.85 73.56
N TRP G 48 111.16 31.47 72.61
CA TRP G 48 110.70 31.67 71.25
C TRP G 48 110.38 30.33 70.58
N LYS G 49 111.28 29.34 70.68
CA LYS G 49 111.08 28.01 70.08
C LYS G 49 109.92 27.27 70.72
N THR G 50 109.72 27.44 72.02
CA THR G 50 108.61 26.82 72.76
C THR G 50 107.29 27.40 72.28
N GLN G 51 107.21 28.73 72.20
CA GLN G 51 106.01 29.44 71.76
C GLN G 51 105.67 29.05 70.32
N GLN G 52 106.68 29.01 69.45
CA GLN G 52 106.55 28.62 68.07
C GLN G 52 106.08 27.14 67.97
N ASP G 53 106.61 26.22 68.84
CA ASP G 53 106.17 24.83 68.86
C ASP G 53 104.67 24.73 69.20
N GLN G 54 104.23 25.46 70.23
CA GLN G 54 102.84 25.46 70.65
C GLN G 54 101.89 26.09 69.59
N ARG G 55 102.36 27.10 68.83
CA ARG G 55 101.55 27.66 67.75
C ARG G 55 101.44 26.63 66.61
N GLN G 56 102.53 25.90 66.29
CA GLN G 56 102.52 24.89 65.23
C GLN G 56 101.66 23.69 65.62
N LYS G 57 101.71 23.29 66.89
CA LYS G 57 100.91 22.18 67.41
C LYS G 57 99.41 22.52 67.27
N LEU G 58 99.04 23.76 67.61
CA LEU G 58 97.67 24.25 67.48
C LEU G 58 97.21 24.22 66.02
N ASN G 59 98.07 24.64 65.09
CA ASN G 59 97.76 24.63 63.66
C ASN G 59 97.55 23.22 63.14
N GLN G 60 98.38 22.28 63.59
CA GLN G 60 98.32 20.88 63.19
C GLN G 60 97.03 20.23 63.68
N GLU G 61 96.61 20.53 64.92
CA GLU G 61 95.38 20.02 65.51
C GLU G 61 94.14 20.52 64.73
N TYR G 62 94.08 21.84 64.41
CA TYR G 62 92.94 22.37 63.67
C TYR G 62 92.94 21.91 62.22
N SER G 63 94.11 21.83 61.59
CA SER G 63 94.20 21.34 60.23
C SER G 63 93.59 19.95 60.13
N GLN G 64 93.84 19.06 61.11
CA GLN G 64 93.30 17.70 61.10
C GLN G 64 91.77 17.73 61.13
N GLN G 65 91.20 18.56 62.04
CA GLN G 65 89.76 18.76 62.17
C GLN G 65 89.14 19.35 60.87
N PHE G 66 89.79 20.35 60.23
CA PHE G 66 89.30 20.90 58.97
C PHE G 66 89.34 19.87 57.85
N LEU G 67 90.41 19.05 57.80
CA LEU G 67 90.57 18.00 56.81
C LEU G 67 89.46 16.97 56.93
N THR G 68 89.09 16.58 58.16
CA THR G 68 87.99 15.65 58.43
C THR G 68 86.69 16.23 57.84
N LEU G 69 86.38 17.51 58.13
CA LEU G 69 85.18 18.20 57.61
C LEU G 69 85.14 18.25 56.07
N PHE G 70 86.27 18.59 55.44
CA PHE G 70 86.36 18.69 53.99
C PHE G 70 86.22 17.31 53.31
N GLN G 71 86.77 16.25 53.94
CA GLN G 71 86.71 14.86 53.46
C GLN G 71 85.26 14.37 53.53
N GLN G 72 84.58 14.61 54.68
CA GLN G 72 83.19 14.24 54.89
C GLN G 72 82.29 14.97 53.87
N TRP G 73 82.58 16.25 53.59
CA TRP G 73 81.82 17.03 52.62
C TRP G 73 81.98 16.43 51.21
N ASP G 74 83.21 16.07 50.82
CA ASP G 74 83.51 15.47 49.52
C ASP G 74 82.75 14.13 49.33
N LEU G 75 82.70 13.29 50.39
CA LEU G 75 82.00 12.00 50.37
C LEU G 75 80.50 12.21 50.24
N ASP G 76 79.96 13.24 50.93
CA ASP G 76 78.53 13.59 50.89
C ASP G 76 78.11 14.09 49.51
N MET G 77 79.04 14.75 48.78
CA MET G 77 78.79 15.23 47.42
C MET G 77 78.78 14.07 46.42
N GLN G 78 79.57 13.01 46.71
CA GLN G 78 79.63 11.79 45.91
C GLN G 78 78.32 11.00 46.08
N LYS G 79 77.81 10.91 47.32
CA LYS G 79 76.53 10.28 47.66
C LYS G 79 75.35 11.04 47.03
N ALA G 80 75.38 12.40 47.07
CA ALA G 80 74.35 13.27 46.47
C ALA G 80 74.28 13.05 44.96
N GLU G 81 75.44 12.88 44.28
CA GLU G 81 75.54 12.59 42.85
C GLU G 81 74.88 11.24 42.54
N GLU G 82 75.03 10.26 43.46
CA GLU G 82 74.44 8.92 43.39
C GLU G 82 72.91 8.99 43.52
N GLN G 83 72.40 9.84 44.44
CA GLN G 83 70.96 10.05 44.68
C GLN G 83 70.31 10.74 43.47
N GLU G 84 70.99 11.75 42.90
CA GLU G 84 70.59 12.54 41.72
C GLU G 84 70.42 11.66 40.48
N GLU G 85 71.30 10.64 40.35
CA GLU G 85 71.29 9.68 39.25
C GLU G 85 70.07 8.74 39.35
N LYS G 86 69.69 8.32 40.59
CA LYS G 86 68.52 7.46 40.84
C LYS G 86 67.20 8.22 40.60
N ILE G 87 67.14 9.54 40.94
CA ILE G 87 65.97 10.40 40.74
C ILE G 87 65.67 10.49 39.24
N LEU G 88 66.73 10.70 38.43
CA LEU G 88 66.65 10.80 36.98
C LEU G 88 66.14 9.47 36.42
N ASN G 89 66.76 8.33 36.79
CA ASN G 89 66.39 7.00 36.34
C ASN G 89 64.96 6.56 36.68
N MET G 90 64.47 6.92 37.88
CA MET G 90 63.08 6.62 38.26
C MET G 90 62.12 7.50 37.49
N PHE G 91 62.51 8.78 37.24
CA PHE G 91 61.73 9.74 36.46
C PHE G 91 61.65 9.31 34.99
N ARG G 92 62.79 8.90 34.38
CA ARG G 92 62.86 8.49 32.99
C ARG G 92 61.94 7.28 32.70
N GLN G 93 61.86 6.33 33.66
CA GLN G 93 61.01 5.14 33.61
C GLN G 93 59.54 5.60 33.66
N GLN G 94 59.19 6.42 34.68
CA GLN G 94 57.85 6.97 34.92
C GLN G 94 57.35 7.88 33.81
N GLN G 95 58.26 8.65 33.16
CA GLN G 95 57.94 9.55 32.06
C GLN G 95 57.52 8.73 30.82
N LYS G 96 58.18 7.56 30.59
CA LYS G 96 57.90 6.63 29.48
C LYS G 96 56.51 5.98 29.62
N ILE G 97 56.17 5.50 30.85
CA ILE G 97 54.88 4.87 31.20
C ILE G 97 53.74 5.90 31.06
N LEU G 98 53.99 7.17 31.48
CA LEU G 98 53.03 8.28 31.43
C LEU G 98 52.73 8.73 30.01
N GLN G 99 53.76 8.82 29.15
CA GLN G 99 53.57 9.22 27.77
C GLN G 99 52.89 8.11 26.94
N GLN G 100 53.09 6.84 27.31
CA GLN G 100 52.49 5.65 26.69
C GLN G 100 50.98 5.62 27.02
N SER G 101 50.61 5.96 28.29
CA SER G 101 49.23 6.01 28.77
C SER G 101 48.40 7.02 28.00
N ARG G 102 49.00 8.19 27.71
CA ARG G 102 48.38 9.31 26.99
C ARG G 102 48.19 8.99 25.49
N ILE G 103 49.08 8.16 24.93
CA ILE G 103 49.00 7.70 23.53
C ILE G 103 47.78 6.73 23.39
N VAL G 104 47.61 5.82 24.39
CA VAL G 104 46.52 4.83 24.46
C VAL G 104 45.15 5.50 24.56
N GLN G 105 44.99 6.47 25.48
CA GLN G 105 43.72 7.20 25.67
C GLN G 105 43.32 8.02 24.45
N SER G 106 44.31 8.43 23.64
CA SER G 106 44.08 9.16 22.38
C SER G 106 43.45 8.20 21.36
N GLN G 107 43.98 6.97 21.31
CA GLN G 107 43.58 5.85 20.49
C GLN G 107 42.13 5.44 20.86
N ARG G 108 41.79 5.42 22.18
CA ARG G 108 40.46 5.09 22.73
C ARG G 108 39.42 6.05 22.25
N LEU G 109 39.74 7.33 22.14
CA LEU G 109 38.79 8.31 21.62
C LEU G 109 38.52 8.03 20.14
N LYS G 110 39.59 7.75 19.38
CA LYS G 110 39.52 7.43 17.97
C LYS G 110 38.65 6.15 17.74
N THR G 111 38.85 5.11 18.57
CA THR G 111 38.15 3.83 18.53
C THR G 111 36.65 4.01 18.79
N ILE G 112 36.28 4.75 19.83
CA ILE G 112 34.89 5.02 20.20
C ILE G 112 34.19 5.87 19.12
N LYS G 113 34.88 6.88 18.58
CA LYS G 113 34.36 7.76 17.55
C LYS G 113 34.08 6.94 16.28
N GLN G 114 35.01 6.05 15.92
CA GLN G 114 34.89 5.20 14.75
C GLN G 114 33.78 4.16 14.91
N LEU G 115 33.65 3.58 16.12
CA LEU G 115 32.64 2.59 16.39
C LEU G 115 31.25 3.24 16.33
N TYR G 116 31.13 4.48 16.82
CA TYR G 116 29.89 5.22 16.77
C TYR G 116 29.46 5.50 15.32
N GLU G 117 30.40 5.93 14.49
CA GLU G 117 30.15 6.23 13.08
C GLU G 117 29.74 4.98 12.31
N GLN G 118 30.37 3.85 12.63
CA GLN G 118 30.12 2.53 12.08
C GLN G 118 28.68 2.10 12.44
N PHE G 119 28.27 2.28 13.71
CA PHE G 119 26.96 1.97 14.24
C PHE G 119 25.86 2.72 13.46
N ILE G 120 26.02 4.04 13.30
CA ILE G 120 25.08 4.88 12.58
C ILE G 120 25.01 4.46 11.10
N LYS G 121 26.17 4.21 10.47
CA LYS G 121 26.25 3.76 9.08
C LYS G 121 25.57 2.41 8.91
N SER G 122 25.78 1.46 9.85
CA SER G 122 25.13 0.14 9.79
C SER G 122 23.62 0.26 9.85
N MET G 123 23.09 1.16 10.69
CA MET G 123 21.65 1.39 10.81
C MET G 123 21.05 1.92 9.51
N GLU G 124 21.81 2.80 8.78
CA GLU G 124 21.40 3.38 7.49
C GLU G 124 21.36 2.31 6.39
N GLU G 125 22.37 1.45 6.37
CA GLU G 125 22.51 0.35 5.41
C GLU G 125 21.39 -0.65 5.65
N LEU G 126 21.06 -0.94 6.92
CA LEU G 126 20.01 -1.86 7.31
C LEU G 126 18.63 -1.32 6.86
N GLU G 127 18.41 0.00 7.00
CA GLU G 127 17.16 0.64 6.53
C GLU G 127 16.95 0.40 5.01
N LYS G 128 18.02 0.54 4.20
CA LYS G 128 17.99 0.32 2.74
C LYS G 128 17.71 -1.13 2.40
N ASN G 129 18.33 -2.07 3.12
CA ASN G 129 18.07 -3.50 2.92
C ASN G 129 16.64 -3.84 3.28
N HIS G 130 16.12 -3.24 4.35
CA HIS G 130 14.75 -3.46 4.83
C HIS G 130 13.69 -2.92 3.87
N ASP G 131 14.01 -1.79 3.20
CA ASP G 131 13.15 -1.21 2.16
C ASP G 131 13.00 -2.26 1.00
N ASN G 132 14.11 -2.90 0.59
CA ASN G 132 14.08 -3.93 -0.46
C ASN G 132 13.35 -5.19 -0.02
N LEU G 133 13.46 -5.59 1.27
CA LEU G 133 12.74 -6.76 1.75
C LEU G 133 11.24 -6.50 1.73
N LEU G 134 10.79 -5.28 2.10
CA LEU G 134 9.39 -4.97 2.08
C LEU G 134 8.85 -4.94 0.65
N THR G 135 9.59 -4.30 -0.28
CA THR G 135 9.19 -4.21 -1.69
C THR G 135 9.02 -5.59 -2.31
N GLY G 136 10.00 -6.45 -2.04
CA GLY G 136 10.01 -7.82 -2.52
C GLY G 136 8.83 -8.57 -2.00
N ALA G 137 8.56 -8.46 -0.68
CA ALA G 137 7.44 -9.16 -0.05
C ALA G 137 6.09 -8.64 -0.57
N GLN G 138 5.98 -7.33 -0.79
CA GLN G 138 4.75 -6.72 -1.32
C GLN G 138 4.45 -7.19 -2.75
N ASN G 139 5.50 -7.29 -3.58
CA ASN G 139 5.39 -7.81 -4.95
C ASN G 139 4.98 -9.28 -4.96
N GLU G 140 5.50 -10.10 -4.05
CA GLU G 140 5.14 -11.54 -3.96
C GLU G 140 3.69 -11.67 -3.58
N PHE G 141 3.25 -10.84 -2.61
CA PHE G 141 1.87 -10.76 -2.14
C PHE G 141 0.94 -10.41 -3.32
N LYS G 142 1.34 -9.42 -4.17
N LYS G 142 1.33 -9.42 -4.17
CA LYS G 142 0.60 -8.95 -5.35
CA LYS G 142 0.56 -9.00 -5.36
C LYS G 142 0.48 -10.06 -6.43
C LYS G 142 0.41 -10.17 -6.33
N LYS G 143 1.49 -10.97 -6.54
CA LYS G 143 1.47 -12.12 -7.44
C LYS G 143 0.52 -13.20 -6.90
N GLU G 144 0.49 -13.40 -5.56
CA GLU G 144 -0.34 -14.39 -4.91
C GLU G 144 -1.80 -14.02 -5.02
N MET G 145 -2.12 -12.72 -4.87
CA MET G 145 -3.50 -12.25 -4.97
C MET G 145 -4.00 -12.32 -6.38
N ALA G 146 -3.12 -12.06 -7.37
CA ALA G 146 -3.46 -12.16 -8.80
C ALA G 146 -3.72 -13.64 -9.15
N MET G 147 -2.89 -14.57 -8.63
CA MET G 147 -3.05 -16.01 -8.85
C MET G 147 -4.36 -16.49 -8.22
N LEU G 148 -4.68 -16.01 -7.00
CA LEU G 148 -5.89 -16.38 -6.31
C LEU G 148 -7.11 -15.90 -7.11
N GLN G 149 -7.12 -14.62 -7.57
CA GLN G 149 -8.25 -14.10 -8.34
C GLN G 149 -8.45 -14.87 -9.66
N LYS G 150 -7.34 -15.20 -10.37
CA LYS G 150 -7.37 -15.97 -11.59
C LYS G 150 -8.03 -17.33 -11.31
N LYS G 151 -7.66 -18.00 -10.19
CA LYS G 151 -8.24 -19.28 -9.82
C LYS G 151 -9.76 -19.16 -9.59
N ILE G 152 -10.18 -18.16 -8.82
CA ILE G 152 -11.60 -17.94 -8.55
C ILE G 152 -12.38 -17.69 -9.83
N MET G 153 -11.85 -16.86 -10.72
CA MET G 153 -12.47 -16.51 -11.98
C MET G 153 -12.68 -17.72 -12.88
N MET G 154 -11.63 -18.49 -13.11
CA MET G 154 -11.65 -19.70 -13.94
C MET G 154 -12.59 -20.77 -13.39
N GLU G 155 -12.58 -20.99 -12.07
CA GLU G 155 -13.39 -22.02 -11.43
C GLU G 155 -14.85 -21.66 -11.26
N THR G 156 -15.21 -20.37 -11.23
CA THR G 156 -16.62 -19.98 -11.11
C THR G 156 -17.33 -19.99 -12.45
N GLN G 157 -16.56 -20.09 -13.53
CA GLN G 157 -17.11 -20.16 -14.87
C GLN G 157 -17.42 -21.60 -15.25
N GLN G 158 -16.65 -22.58 -14.70
CA GLN G 158 -16.77 -24.03 -14.90
C GLN G 158 -18.19 -24.53 -14.57
N ASN H 19 -19.72 -14.29 -24.06
CA ASN H 19 -18.25 -14.29 -23.94
C ASN H 19 -17.64 -12.87 -23.93
N LYS H 20 -18.22 -11.92 -24.69
CA LYS H 20 -17.81 -10.52 -24.72
C LYS H 20 -18.10 -9.89 -23.30
N ALA H 21 -19.26 -10.28 -22.70
CA ALA H 21 -19.72 -9.87 -21.38
C ALA H 21 -18.78 -10.46 -20.31
N LEU H 22 -18.37 -11.74 -20.49
CA LEU H 22 -17.49 -12.44 -19.58
C LEU H 22 -16.12 -11.77 -19.51
N LEU H 23 -15.58 -11.35 -20.67
CA LEU H 23 -14.27 -10.72 -20.77
C LEU H 23 -14.31 -9.32 -20.17
N ALA H 24 -15.43 -8.59 -20.37
CA ALA H 24 -15.64 -7.25 -19.84
C ALA H 24 -15.66 -7.30 -18.31
N LYS H 25 -16.35 -8.32 -17.74
CA LYS H 25 -16.49 -8.53 -16.31
C LYS H 25 -15.13 -8.84 -15.71
N ARG H 26 -14.37 -9.72 -16.36
CA ARG H 26 -13.04 -10.12 -15.92
C ARG H 26 -12.06 -8.95 -15.91
N LYS H 27 -12.07 -8.16 -17.00
CA LYS H 27 -11.23 -6.98 -17.16
C LYS H 27 -11.56 -5.93 -16.08
N ARG H 28 -12.84 -5.75 -15.77
CA ARG H 28 -13.27 -4.82 -14.74
C ARG H 28 -12.73 -5.28 -13.36
N LEU H 29 -12.90 -6.56 -13.02
CA LEU H 29 -12.42 -7.11 -11.76
C LEU H 29 -10.92 -7.06 -11.66
N GLU H 30 -10.20 -7.31 -12.76
CA GLU H 30 -8.73 -7.24 -12.78
C GLU H 30 -8.22 -5.83 -12.54
N MET H 31 -8.90 -4.81 -13.12
CA MET H 31 -8.51 -3.41 -12.97
C MET H 31 -8.72 -2.98 -11.52
N TYR H 32 -9.89 -3.37 -10.93
CA TYR H 32 -10.19 -3.03 -9.55
C TYR H 32 -9.19 -3.67 -8.59
N THR H 33 -8.89 -4.97 -8.79
CA THR H 33 -7.94 -5.71 -7.97
C THR H 33 -6.56 -5.03 -8.00
N LYS H 34 -6.06 -4.70 -9.19
CA LYS H 34 -4.78 -4.04 -9.35
C LYS H 34 -4.74 -2.72 -8.53
N ALA H 35 -5.77 -1.87 -8.65
CA ALA H 35 -5.91 -0.60 -7.98
C ALA H 35 -5.99 -0.80 -6.45
N SER H 36 -6.77 -1.79 -6.00
CA SER H 36 -6.90 -2.09 -4.57
C SER H 36 -5.62 -2.58 -3.96
N LEU H 37 -4.92 -3.50 -4.62
CA LEU H 37 -3.64 -4.01 -4.11
C LEU H 37 -2.62 -2.89 -4.03
N LYS H 38 -2.59 -2.02 -5.07
CA LYS H 38 -1.69 -0.88 -5.13
C LYS H 38 -1.94 0.07 -3.95
N THR H 39 -3.22 0.39 -3.64
CA THR H 39 -3.60 1.30 -2.57
C THR H 39 -3.27 0.71 -1.21
N SER H 40 -3.68 -0.52 -0.96
CA SER H 40 -3.46 -1.21 0.33
C SER H 40 -1.99 -1.36 0.64
N ASN H 41 -1.18 -1.66 -0.37
CA ASN H 41 0.26 -1.79 -0.18
C ASN H 41 0.89 -0.44 0.07
N GLN H 42 0.42 0.62 -0.63
CA GLN H 42 0.94 1.97 -0.45
C GLN H 42 0.72 2.47 0.98
N LYS H 43 -0.45 2.19 1.56
CA LYS H 43 -0.77 2.60 2.94
C LYS H 43 0.18 1.93 3.93
N ILE H 44 0.52 0.63 3.74
CA ILE H 44 1.46 -0.08 4.59
C ILE H 44 2.85 0.52 4.38
N GLU H 45 3.21 0.82 3.13
CA GLU H 45 4.51 1.40 2.80
C GLU H 45 4.65 2.74 3.52
N HIS H 46 3.55 3.51 3.66
CA HIS H 46 3.63 4.77 4.33
C HIS H 46 3.86 4.64 5.85
N VAL H 47 3.31 3.60 6.46
CA VAL H 47 3.53 3.30 7.88
C VAL H 47 5.02 2.98 8.08
N TRP H 48 5.54 2.13 7.18
CA TRP H 48 6.95 1.75 7.15
C TRP H 48 7.85 3.00 7.08
N LYS H 49 7.57 3.92 6.10
CA LYS H 49 8.32 5.16 5.88
C LYS H 49 8.25 6.09 7.06
N THR H 50 7.12 6.15 7.73
CA THR H 50 6.93 6.98 8.93
C THR H 50 7.81 6.47 10.06
N GLN H 51 7.78 5.15 10.29
CA GLN H 51 8.57 4.50 11.32
C GLN H 51 10.08 4.67 11.06
N GLN H 52 10.47 4.51 9.81
CA GLN H 52 11.83 4.70 9.34
C GLN H 52 12.27 6.15 9.53
N ASP H 53 11.38 7.14 9.25
CA ASP H 53 11.67 8.55 9.44
C ASP H 53 11.95 8.85 10.91
N GLN H 54 11.14 8.30 11.81
CA GLN H 54 11.29 8.50 13.26
C GLN H 54 12.54 7.81 13.81
N ARG H 55 12.97 6.66 13.21
CA ARG H 55 14.22 6.03 13.64
C ARG H 55 15.41 6.90 13.17
N GLN H 56 15.34 7.43 11.94
N GLN H 56 15.36 7.44 11.96
CA GLN H 56 16.37 8.30 11.32
CA GLN H 56 16.45 8.28 11.44
C GLN H 56 16.49 9.63 12.08
C GLN H 56 16.53 9.62 12.17
N LYS H 57 15.38 10.20 12.53
CA LYS H 57 15.33 11.45 13.29
C LYS H 57 15.99 11.27 14.66
N LEU H 58 15.67 10.16 15.33
CA LEU H 58 16.27 9.81 16.61
C LEU H 58 17.79 9.64 16.49
N ASN H 59 18.26 9.00 15.43
CA ASN H 59 19.70 8.85 15.21
C ASN H 59 20.38 10.17 14.99
N GLN H 60 19.75 11.07 14.22
CA GLN H 60 20.31 12.38 13.92
C GLN H 60 20.43 13.25 15.18
N GLU H 61 19.42 13.18 16.06
CA GLU H 61 19.42 13.90 17.34
C GLU H 61 20.57 13.44 18.26
N TYR H 62 20.73 12.11 18.41
CA TYR H 62 21.80 11.57 19.24
C TYR H 62 23.17 11.78 18.60
N SER H 63 23.26 11.66 17.24
CA SER H 63 24.54 11.90 16.57
C SER H 63 25.07 13.29 16.79
N GLN H 64 24.17 14.28 16.86
CA GLN H 64 24.60 15.65 17.09
C GLN H 64 25.23 15.75 18.49
N GLN H 65 24.54 15.21 19.51
CA GLN H 65 25.00 15.16 20.89
C GLN H 65 26.33 14.37 21.01
N PHE H 66 26.48 13.21 20.35
CA PHE H 66 27.74 12.45 20.40
C PHE H 66 28.89 13.21 19.76
N LEU H 67 28.61 13.90 18.63
CA LEU H 67 29.62 14.69 17.92
C LEU H 67 30.14 15.83 18.78
N THR H 68 29.23 16.51 19.49
CA THR H 68 29.58 17.57 20.42
C THR H 68 30.53 17.03 21.51
N LEU H 69 30.17 15.89 22.15
CA LEU H 69 30.96 15.24 23.17
C LEU H 69 32.35 14.83 22.67
N PHE H 70 32.43 14.25 21.47
CA PHE H 70 33.71 13.82 20.92
C PHE H 70 34.64 14.99 20.59
N GLN H 71 34.08 16.12 20.11
CA GLN H 71 34.80 17.35 19.78
C GLN H 71 35.40 17.95 21.06
N GLN H 72 34.55 18.08 22.10
CA GLN H 72 34.92 18.61 23.41
C GLN H 72 36.00 17.72 24.05
N TRP H 73 35.87 16.38 23.89
CA TRP H 73 36.83 15.41 24.42
C TRP H 73 38.18 15.58 23.77
N ASP H 74 38.21 15.75 22.44
CA ASP H 74 39.45 15.95 21.68
C ASP H 74 40.19 17.21 22.16
N LEU H 75 39.46 18.31 22.40
CA LEU H 75 40.04 19.57 22.88
C LEU H 75 40.60 19.42 24.29
N ASP H 76 39.88 18.67 25.16
CA ASP H 76 40.28 18.42 26.53
C ASP H 76 41.52 17.55 26.62
N MET H 77 41.72 16.65 25.63
CA MET H 77 42.89 15.78 25.56
C MET H 77 44.12 16.57 25.12
N GLN H 78 43.89 17.63 24.29
CA GLN H 78 44.95 18.53 23.82
C GLN H 78 45.48 19.36 25.01
N LYS H 79 44.56 19.92 25.83
CA LYS H 79 44.93 20.69 27.01
C LYS H 79 45.57 19.82 28.10
N ALA H 80 45.12 18.56 28.24
CA ALA H 80 45.67 17.63 29.22
C ALA H 80 47.12 17.24 28.86
N GLU H 81 47.43 17.14 27.53
CA GLU H 81 48.76 16.83 27.01
C GLU H 81 49.72 17.98 27.33
N GLU H 82 49.27 19.23 27.08
CA GLU H 82 50.04 20.46 27.31
C GLU H 82 50.37 20.68 28.79
N GLN H 83 49.41 20.37 29.70
CA GLN H 83 49.58 20.53 31.15
C GLN H 83 50.48 19.47 31.75
N GLU H 84 50.44 18.23 31.23
CA GLU H 84 51.31 17.14 31.66
C GLU H 84 52.76 17.52 31.29
N GLU H 85 52.95 18.08 30.06
CA GLU H 85 54.20 18.59 29.50
C GLU H 85 54.84 19.63 30.45
N LYS H 86 54.01 20.56 30.96
CA LYS H 86 54.42 21.60 31.90
C LYS H 86 54.96 20.99 33.19
N ILE H 87 54.30 19.97 33.76
CA ILE H 87 54.74 19.27 34.98
C ILE H 87 56.07 18.50 34.75
N LEU H 88 56.17 17.79 33.61
CA LEU H 88 57.39 17.06 33.22
C LEU H 88 58.57 18.02 33.02
N ASN H 89 58.29 19.22 32.44
CA ASN H 89 59.25 20.30 32.19
C ASN H 89 59.77 20.87 33.53
N MET H 90 58.82 21.16 34.44
CA MET H 90 59.06 21.65 35.80
C MET H 90 59.96 20.69 36.54
N PHE H 91 59.75 19.37 36.38
CA PHE H 91 60.58 18.35 36.99
C PHE H 91 62.02 18.44 36.43
N ARG H 92 62.16 18.53 35.08
CA ARG H 92 63.45 18.59 34.38
C ARG H 92 64.29 19.81 34.81
N GLN H 93 63.62 20.96 35.03
CA GLN H 93 64.26 22.21 35.45
C GLN H 93 64.86 22.11 36.86
N GLN H 94 64.21 21.32 37.76
CA GLN H 94 64.62 21.07 39.16
C GLN H 94 65.79 20.11 39.22
N GLN H 95 65.85 19.15 38.28
CA GLN H 95 66.94 18.19 38.17
C GLN H 95 68.24 18.94 37.81
N LYS H 96 68.12 20.05 37.06
CA LYS H 96 69.22 20.93 36.65
C LYS H 96 69.68 21.79 37.84
N ILE H 97 68.70 22.33 38.62
CA ILE H 97 68.95 23.14 39.81
C ILE H 97 69.64 22.31 40.91
N LEU H 98 69.20 21.04 41.12
CA LEU H 98 69.78 20.11 42.08
C LEU H 98 71.21 19.74 41.67
N GLN H 99 71.46 19.67 40.34
CA GLN H 99 72.77 19.37 39.75
C GLN H 99 73.72 20.56 39.94
N GLN H 100 73.29 21.78 39.51
CA GLN H 100 74.04 23.03 39.64
C GLN H 100 74.27 23.41 41.14
N SER H 101 73.53 22.78 42.06
CA SER H 101 73.65 22.96 43.50
C SER H 101 74.86 22.14 43.94
N ARG H 102 75.01 20.95 43.35
CA ARG H 102 76.09 20.03 43.66
C ARG H 102 77.44 20.55 43.13
N ILE H 103 77.42 21.19 41.93
CA ILE H 103 78.59 21.78 41.29
C ILE H 103 79.08 23.01 42.08
N VAL H 104 78.18 23.95 42.40
CA VAL H 104 78.49 25.16 43.19
C VAL H 104 79.04 24.79 44.60
N GLN H 105 78.51 23.71 45.20
CA GLN H 105 78.97 23.20 46.50
C GLN H 105 80.39 22.72 46.40
N SER H 106 80.70 21.94 45.34
CA SER H 106 82.03 21.39 45.15
C SER H 106 83.07 22.49 44.92
N GLN H 107 82.69 23.59 44.25
CA GLN H 107 83.56 24.74 44.00
C GLN H 107 83.82 25.50 45.33
N ARG H 108 82.76 25.69 46.13
CA ARG H 108 82.76 26.34 47.41
C ARG H 108 83.72 25.59 48.36
N LEU H 109 83.61 24.24 48.41
CA LEU H 109 84.46 23.37 49.21
C LEU H 109 85.91 23.55 48.79
N LYS H 110 86.18 23.57 47.47
CA LYS H 110 87.52 23.77 46.88
C LYS H 110 88.09 25.13 47.32
N THR H 111 87.29 26.20 47.24
CA THR H 111 87.67 27.58 47.58
C THR H 111 88.07 27.70 49.05
N ILE H 112 87.23 27.15 49.96
CA ILE H 112 87.46 27.19 51.41
C ILE H 112 88.69 26.36 51.76
N LYS H 113 88.83 25.15 51.18
CA LYS H 113 89.96 24.26 51.41
C LYS H 113 91.26 24.94 50.98
N GLN H 114 91.25 25.63 49.83
CA GLN H 114 92.43 26.31 49.29
C GLN H 114 92.80 27.51 50.14
N LEU H 115 91.81 28.28 50.60
CA LEU H 115 92.05 29.43 51.44
C LEU H 115 92.62 28.99 52.78
N TYR H 116 92.11 27.88 53.34
CA TYR H 116 92.61 27.34 54.59
C TYR H 116 94.08 26.91 54.48
N GLU H 117 94.44 26.23 53.37
CA GLU H 117 95.81 25.76 53.13
C GLU H 117 96.76 26.91 52.95
N GLN H 118 96.30 27.99 52.31
CA GLN H 118 97.04 29.22 52.07
C GLN H 118 97.35 29.90 53.42
N PHE H 119 96.34 29.96 54.32
CA PHE H 119 96.42 30.52 55.65
C PHE H 119 97.51 29.79 56.48
N ILE H 120 97.45 28.45 56.51
CA ILE H 120 98.42 27.61 57.21
C ILE H 120 99.83 27.82 56.67
N LYS H 121 99.96 27.85 55.34
CA LYS H 121 101.24 28.08 54.67
C LYS H 121 101.80 29.47 55.01
N SER H 122 100.96 30.50 55.01
CA SER H 122 101.38 31.86 55.35
C SER H 122 101.91 31.94 56.78
N MET H 123 101.28 31.25 57.73
CA MET H 123 101.72 31.21 59.13
C MET H 123 103.10 30.54 59.27
N GLU H 124 103.38 29.51 58.45
CA GLU H 124 104.67 28.78 58.44
C GLU H 124 105.78 29.68 57.90
N GLU H 125 105.49 30.43 56.82
CA GLU H 125 106.41 31.36 56.18
C GLU H 125 106.74 32.48 57.14
N LEU H 126 105.72 32.98 57.88
CA LEU H 126 105.87 34.05 58.87
C LEU H 126 106.78 33.58 60.02
N GLU H 127 106.62 32.34 60.49
CA GLU H 127 107.48 31.75 61.53
C GLU H 127 108.98 31.80 61.13
N LYS H 128 109.30 31.44 59.88
CA LYS H 128 110.66 31.45 59.33
C LYS H 128 111.23 32.88 59.25
N ASN H 129 110.40 33.86 58.84
CA ASN H 129 110.80 35.27 58.79
C ASN H 129 111.06 35.80 60.19
N HIS H 130 110.23 35.40 61.16
CA HIS H 130 110.31 35.81 62.55
C HIS H 130 111.55 35.24 63.24
N ASP H 131 111.94 34.02 62.87
CA ASP H 131 113.16 33.38 63.35
C ASP H 131 114.38 34.27 62.97
N ASN H 132 114.44 34.73 61.71
CA ASN H 132 115.51 35.61 61.22
C ASN H 132 115.49 36.96 61.88
N LEU H 133 114.30 37.53 62.19
CA LEU H 133 114.24 38.83 62.85
C LEU H 133 114.82 38.72 64.25
N LEU H 134 114.49 37.64 64.98
CA LEU H 134 114.99 37.45 66.32
C LEU H 134 116.52 37.24 66.32
N THR H 135 117.03 36.39 65.40
CA THR H 135 118.47 36.13 65.28
C THR H 135 119.25 37.43 65.03
N GLY H 136 118.74 38.24 64.11
CA GLY H 136 119.33 39.51 63.75
C GLY H 136 119.35 40.44 64.93
N ALA H 137 118.22 40.54 65.67
CA ALA H 137 118.12 41.40 66.85
C ALA H 137 119.05 40.95 67.97
N GLN H 138 119.18 39.62 68.17
CA GLN H 138 120.05 39.07 69.19
C GLN H 138 121.52 39.35 68.90
N ASN H 139 121.92 39.25 67.62
CA ASN H 139 123.27 39.56 67.16
C ASN H 139 123.59 41.05 67.34
N GLU H 140 122.62 41.95 67.07
CA GLU H 140 122.81 43.38 67.28
C GLU H 140 123.00 43.68 68.74
N PHE H 141 122.22 43.01 69.59
CA PHE H 141 122.26 43.16 71.03
C PHE H 141 123.65 42.76 71.54
N LYS H 142 124.20 41.63 71.05
CA LYS H 142 125.52 41.14 71.43
C LYS H 142 126.61 42.15 71.06
N LYS H 143 126.50 42.78 69.87
CA LYS H 143 127.44 43.81 69.41
C LYS H 143 127.34 45.05 70.32
N GLU H 144 126.12 45.37 70.74
CA GLU H 144 125.87 46.52 71.60
C GLU H 144 126.50 46.32 72.99
N MET H 145 126.36 45.13 73.55
CA MET H 145 126.91 44.79 74.86
C MET H 145 128.42 44.73 74.81
N ALA H 146 129.01 44.24 73.69
CA ALA H 146 130.46 44.20 73.49
C ALA H 146 131.05 45.65 73.43
N MET H 147 130.41 46.56 72.71
N MET H 147 130.39 46.57 72.72
CA MET H 147 130.81 47.96 72.64
CA MET H 147 130.80 47.99 72.62
C MET H 147 130.70 48.61 74.03
C MET H 147 130.58 48.75 73.94
N LEU H 148 129.60 48.32 74.75
CA LEU H 148 129.39 48.89 76.07
C LEU H 148 130.52 48.43 77.02
N GLN H 149 130.87 47.13 77.02
CA GLN H 149 131.93 46.60 77.88
C GLN H 149 133.28 47.21 77.53
N LYS H 150 133.58 47.37 76.22
CA LYS H 150 134.81 47.99 75.73
C LYS H 150 134.91 49.42 76.28
N LYS H 151 133.80 50.19 76.22
CA LYS H 151 133.77 51.56 76.72
C LYS H 151 134.04 51.61 78.22
N ILE H 152 133.39 50.75 79.00
CA ILE H 152 133.60 50.69 80.45
C ILE H 152 135.07 50.38 80.76
N MET H 153 135.63 49.37 80.08
CA MET H 153 136.99 48.93 80.27
C MET H 153 138.02 50.03 80.03
N MET H 154 137.94 50.69 78.86
CA MET H 154 138.81 51.77 78.46
C MET H 154 138.71 53.00 79.35
N GLU H 155 137.49 53.37 79.77
CA GLU H 155 137.26 54.54 80.59
C GLU H 155 137.58 54.34 82.06
N THR H 156 137.57 53.12 82.57
CA THR H 156 137.90 52.89 83.98
C THR H 156 139.40 52.91 84.24
N GLN H 157 140.19 52.75 83.17
CA GLN H 157 141.63 52.83 83.26
C GLN H 157 142.18 54.25 83.12
N GLN H 158 141.63 55.04 82.16
CA GLN H 158 142.03 56.44 81.93
C GLN H 158 141.78 57.33 83.16
#